data_5UAM
#
_entry.id   5UAM
#
_cell.length_a   174.260
_cell.length_b   72.110
_cell.length_c   109.510
_cell.angle_alpha   90.00
_cell.angle_beta   122.50
_cell.angle_gamma   90.00
#
_symmetry.space_group_name_H-M   'C 1 2 1'
#
loop_
_entity.id
_entity.type
_entity.pdbx_description
1 polymer 'Ulvan Lyase-PL25'
2 non-polymer 'CHLORIDE ION'
3 non-polymer 'ZINC ION'
4 non-polymer 'PHOSPHATE ION'
5 non-polymer GLYCEROL
6 non-polymer 'POTASSIUM ION'
7 non-polymer 1,2-ETHANEDIOL
8 water water
#
_entity_poly.entity_id   1
_entity_poly.type   'polypeptide(L)'
_entity_poly.pdbx_seq_one_letter_code
;TLRRRYTMVHQESLPNSTANSVDRQVGYFADNGVGNPLAIVQHPAGIHKNGITYVSYQGPKEDPYIASYNHQTGQWQGPF
RAGISELGRRDGGKKFDNHGKPTMLIDDEGYIHIFYGGHGGQASNGKNPLGNTHHGANKHAVSKRPYDISQWEDLNNITP
FGTYNQAIKMDNGDIYLFFRHGAHRSDWVYQKSVDNGRTFASPVSFLKHKRRTDIDAVDSWYAWAGKGQGDNIIVSYDYH
VCWDGGAGVNGRGHTTERHDVYFMSFNTKTGEWSNVEGEKLVLPVTREVADEKTMAMRTGELWTFNGSTHLDAQGQPHIA
INAGIDKGAKTGGPKQTRHVRWNGNEWVGGDKVIPQYERVSRGDFMVTDPENIRYLTTYNQDNDAVLSWWQSHDGGEHFV
EDKTVLRKDNASFAISAFIKDAIPDAQMLVAEKVSDEGIKMYLVGEEGAVTRSLVDLKTAMPTSKLEHHHHHH
;
_entity_poly.pdbx_strand_id   A,B
#
loop_
_chem_comp.id
_chem_comp.type
_chem_comp.name
_chem_comp.formula
CL non-polymer 'CHLORIDE ION' 'Cl -1'
EDO non-polymer 1,2-ETHANEDIOL 'C2 H6 O2'
GOL non-polymer GLYCEROL 'C3 H8 O3'
K non-polymer 'POTASSIUM ION' 'K 1'
PO4 non-polymer 'PHOSPHATE ION' 'O4 P -3'
ZN non-polymer 'ZINC ION' 'Zn 2'
#
# COMPACT_ATOMS: atom_id res chain seq x y z
N ASP A 23 -31.65 18.04 -41.62
CA ASP A 23 -30.65 18.02 -40.57
C ASP A 23 -30.11 16.61 -40.41
N ARG A 24 -28.93 16.51 -39.82
CA ARG A 24 -28.34 15.23 -39.46
C ARG A 24 -27.43 15.45 -38.26
N GLN A 25 -27.15 14.37 -37.55
CA GLN A 25 -26.25 14.39 -36.41
C GLN A 25 -24.83 14.17 -36.90
N VAL A 26 -23.90 14.98 -36.42
CA VAL A 26 -22.49 14.80 -36.70
C VAL A 26 -21.76 14.47 -35.40
N GLY A 27 -20.56 13.89 -35.54
CA GLY A 27 -19.82 13.45 -34.37
C GLY A 27 -19.09 14.53 -33.61
N TYR A 28 -18.90 15.69 -34.23
CA TYR A 28 -18.13 16.78 -33.67
C TYR A 28 -19.07 17.89 -33.20
N PHE A 29 -18.65 18.60 -32.16
CA PHE A 29 -19.45 19.67 -31.58
C PHE A 29 -18.95 21.06 -31.95
N ALA A 30 -17.77 21.16 -32.58
CA ALA A 30 -17.21 22.41 -33.06
C ALA A 30 -16.20 22.07 -34.15
N ASP A 31 -15.92 23.06 -35.00
CA ASP A 31 -15.03 22.82 -36.13
C ASP A 31 -14.02 23.95 -36.32
N ASN A 32 -13.62 24.62 -35.23
CA ASN A 32 -12.72 25.77 -35.32
C ASN A 32 -11.46 25.63 -34.48
N GLY A 33 -11.07 24.42 -34.09
CA GLY A 33 -9.82 24.27 -33.37
C GLY A 33 -8.63 24.68 -34.22
N VAL A 34 -7.53 25.08 -33.56
CA VAL A 34 -6.29 25.40 -34.25
C VAL A 34 -5.10 24.72 -33.55
N GLY A 35 -4.05 24.50 -34.34
CA GLY A 35 -2.80 24.00 -33.77
C GLY A 35 -2.99 22.63 -33.16
N ASN A 36 -2.58 22.47 -31.91
CA ASN A 36 -2.95 21.35 -31.07
C ASN A 36 -4.03 21.86 -30.12
N PRO A 37 -5.31 21.53 -30.33
CA PRO A 37 -6.35 22.20 -29.53
C PRO A 37 -6.50 21.69 -28.12
N LEU A 38 -5.85 20.57 -27.80
CA LEU A 38 -5.97 19.87 -26.54
C LEU A 38 -4.64 19.21 -26.24
N ALA A 39 -4.42 18.92 -24.95
CA ALA A 39 -3.27 18.11 -24.52
C ALA A 39 -3.55 17.61 -23.11
N ILE A 40 -2.88 16.52 -22.73
CA ILE A 40 -3.09 15.95 -21.41
C ILE A 40 -2.59 16.88 -20.31
N VAL A 41 -1.58 17.70 -20.58
CA VAL A 41 -1.01 18.52 -19.50
C VAL A 41 -1.94 19.67 -19.09
N GLN A 42 -2.67 20.28 -20.03
CA GLN A 42 -3.63 21.33 -19.67
C GLN A 42 -4.92 20.65 -19.27
N HIS A 43 -5.09 20.46 -17.96
CA HIS A 43 -6.21 19.69 -17.47
C HIS A 43 -6.72 20.27 -16.16
N PRO A 44 -8.01 20.11 -15.86
CA PRO A 44 -9.02 19.53 -16.77
C PRO A 44 -9.28 20.38 -17.99
N ALA A 45 -9.46 19.72 -19.14
CA ALA A 45 -10.02 20.40 -20.29
C ALA A 45 -11.53 20.41 -20.26
N GLY A 46 -12.14 19.45 -19.56
CA GLY A 46 -13.58 19.39 -19.41
C GLY A 46 -13.92 18.83 -18.05
N ILE A 47 -15.14 19.12 -17.62
CA ILE A 47 -15.65 18.79 -16.28
C ILE A 47 -17.11 18.44 -16.41
N HIS A 48 -17.52 17.36 -15.76
CA HIS A 48 -18.93 17.00 -15.68
C HIS A 48 -19.49 17.42 -14.32
N LYS A 49 -20.65 18.08 -14.33
CA LYS A 49 -21.31 18.40 -13.08
C LYS A 49 -22.81 18.46 -13.31
N ASN A 50 -23.57 17.75 -12.47
CA ASN A 50 -25.03 17.85 -12.45
C ASN A 50 -25.65 17.60 -13.82
N GLY A 51 -25.13 16.62 -14.53
CA GLY A 51 -25.72 16.24 -15.80
C GLY A 51 -25.26 17.04 -16.99
N ILE A 52 -24.34 17.98 -16.80
CA ILE A 52 -23.81 18.82 -17.87
C ILE A 52 -22.33 18.52 -17.99
N THR A 53 -21.84 18.31 -19.21
CA THR A 53 -20.41 18.20 -19.46
C THR A 53 -19.94 19.49 -20.12
N TYR A 54 -19.03 20.19 -19.45
CA TYR A 54 -18.40 21.40 -19.95
C TYR A 54 -17.09 21.02 -20.60
N VAL A 55 -16.80 21.62 -21.75
CA VAL A 55 -15.61 21.27 -22.53
C VAL A 55 -14.93 22.55 -23.01
N SER A 56 -13.61 22.54 -23.01
CA SER A 56 -12.84 23.69 -23.49
C SER A 56 -11.67 23.23 -24.35
N TYR A 57 -11.31 24.09 -25.30
CA TYR A 57 -10.26 23.78 -26.27
C TYR A 57 -9.76 25.10 -26.87
N GLN A 58 -8.66 25.02 -27.61
CA GLN A 58 -8.05 26.19 -28.24
C GLN A 58 -8.61 26.39 -29.64
N GLY A 59 -9.20 27.56 -29.86
CA GLY A 59 -9.83 27.94 -31.10
C GLY A 59 -9.05 29.02 -31.84
N PRO A 60 -9.72 29.72 -32.75
CA PRO A 60 -9.05 30.73 -33.58
C PRO A 60 -8.24 31.71 -32.75
N LYS A 61 -7.09 32.09 -33.28
CA LYS A 61 -6.15 32.99 -32.64
C LYS A 61 -5.71 32.46 -31.28
N GLU A 62 -5.77 31.15 -31.10
CA GLU A 62 -5.39 30.48 -29.87
C GLU A 62 -6.24 30.93 -28.67
N ASP A 63 -7.40 31.54 -28.94
CA ASP A 63 -8.27 31.95 -27.86
C ASP A 63 -8.99 30.74 -27.28
N PRO A 64 -9.34 30.77 -26.00
CA PRO A 64 -10.04 29.64 -25.39
C PRO A 64 -11.52 29.67 -25.74
N TYR A 65 -12.04 28.51 -26.12
CA TYR A 65 -13.46 28.34 -26.42
C TYR A 65 -14.05 27.28 -25.49
N ILE A 66 -15.31 27.47 -25.13
CA ILE A 66 -15.98 26.60 -24.18
C ILE A 66 -17.38 26.28 -24.68
N ALA A 67 -17.76 25.01 -24.55
CA ALA A 67 -19.10 24.54 -24.90
C ALA A 67 -19.61 23.65 -23.78
N SER A 68 -20.88 23.29 -23.84
CA SER A 68 -21.43 22.36 -22.87
C SER A 68 -22.48 21.48 -23.53
N TYR A 69 -22.63 20.28 -22.95
CA TYR A 69 -23.62 19.30 -23.37
C TYR A 69 -24.49 18.92 -22.18
N ASN A 70 -25.79 19.04 -22.35
CA ASN A 70 -26.77 18.63 -21.34
C ASN A 70 -27.21 17.22 -21.69
N HIS A 71 -26.83 16.26 -20.84
CA HIS A 71 -27.10 14.86 -21.14
C HIS A 71 -28.58 14.52 -21.05
N GLN A 72 -29.36 15.23 -20.24
CA GLN A 72 -30.78 14.93 -20.13
C GLN A 72 -31.57 15.43 -21.33
N THR A 73 -31.25 16.64 -21.82
CA THR A 73 -32.01 17.21 -22.93
C THR A 73 -31.38 16.94 -24.28
N GLY A 74 -30.12 16.54 -24.31
CA GLY A 74 -29.42 16.35 -25.56
C GLY A 74 -28.96 17.62 -26.24
N GLN A 75 -28.98 18.74 -25.53
CA GLN A 75 -28.73 20.05 -26.13
C GLN A 75 -27.29 20.48 -25.87
N TRP A 76 -26.64 20.98 -26.92
CA TRP A 76 -25.37 21.65 -26.82
C TRP A 76 -25.56 23.16 -26.73
N GLN A 77 -24.66 23.80 -25.97
CA GLN A 77 -24.50 25.24 -25.93
C GLN A 77 -23.08 25.60 -26.35
N GLY A 78 -22.95 26.70 -27.07
CA GLY A 78 -21.66 27.18 -27.48
C GLY A 78 -21.19 26.50 -28.75
N PRO A 79 -19.90 26.65 -29.06
CA PRO A 79 -18.86 27.23 -28.22
C PRO A 79 -18.89 28.76 -28.16
N PHE A 80 -18.35 29.26 -27.07
CA PHE A 80 -18.19 30.69 -26.82
C PHE A 80 -16.74 30.96 -26.51
N ARG A 81 -16.27 32.12 -26.95
CA ARG A 81 -14.91 32.55 -26.63
C ARG A 81 -14.87 33.09 -25.20
N ALA A 82 -13.91 32.60 -24.40
CA ALA A 82 -13.82 32.97 -22.99
C ALA A 82 -12.77 34.03 -22.70
N GLY A 83 -11.88 34.34 -23.64
CA GLY A 83 -10.80 35.29 -23.37
C GLY A 83 -10.00 35.52 -24.63
N ILE A 84 -9.01 36.40 -24.52
CA ILE A 84 -8.20 36.85 -25.65
CA ILE A 84 -8.20 36.88 -25.64
C ILE A 84 -6.75 36.56 -25.32
N SER A 85 -6.15 35.63 -26.07
CA SER A 85 -4.78 35.21 -25.84
C SER A 85 -3.78 36.04 -26.64
N GLU A 86 -2.69 36.43 -25.98
CA GLU A 86 -1.59 37.08 -26.69
C GLU A 86 -0.91 36.12 -27.68
N LEU A 87 -1.02 34.82 -27.44
CA LEU A 87 -0.27 33.88 -28.26
C LEU A 87 -0.78 33.83 -29.68
N GLY A 88 -2.02 34.21 -29.94
CA GLY A 88 -2.52 34.22 -31.30
C GLY A 88 -2.31 35.51 -32.04
N ARG A 89 -1.59 36.47 -31.45
CA ARG A 89 -1.47 37.82 -31.98
C ARG A 89 -0.01 38.24 -32.00
N ARG A 90 0.89 37.26 -32.15
CA ARG A 90 2.33 37.50 -32.20
C ARG A 90 2.76 37.92 -33.60
N ASP A 91 3.90 38.60 -33.63
CA ASP A 91 4.50 39.04 -34.90
C ASP A 91 5.50 37.98 -35.30
N GLY A 92 5.13 37.17 -36.29
CA GLY A 92 6.02 36.12 -36.73
C GLY A 92 6.16 34.96 -35.74
N GLY A 93 7.28 34.28 -35.84
CA GLY A 93 7.52 33.11 -35.02
C GLY A 93 6.70 31.92 -35.50
N LYS A 94 6.64 30.91 -34.64
CA LYS A 94 5.88 29.70 -34.96
C LYS A 94 4.42 30.07 -35.20
N LYS A 95 3.80 29.44 -36.21
CA LYS A 95 2.43 29.82 -36.56
C LYS A 95 1.49 29.69 -35.37
N PHE A 96 1.52 28.54 -34.69
CA PHE A 96 0.71 28.32 -33.50
C PHE A 96 1.58 27.88 -32.33
N ASP A 97 1.38 28.50 -31.18
CA ASP A 97 2.19 28.26 -30.01
C ASP A 97 1.67 27.08 -29.19
N ASN A 98 0.36 27.07 -28.91
CA ASN A 98 -0.39 25.98 -28.30
C ASN A 98 -0.24 25.88 -26.80
N HIS A 99 0.68 26.61 -26.17
CA HIS A 99 0.93 26.37 -24.75
C HIS A 99 -0.10 27.02 -23.84
N GLY A 100 -0.98 27.83 -24.39
CA GLY A 100 -2.00 28.50 -23.63
C GLY A 100 -3.40 28.00 -23.87
N LYS A 101 -3.53 26.80 -24.45
CA LYS A 101 -4.84 26.18 -24.55
C LYS A 101 -5.44 26.07 -23.15
N PRO A 102 -6.77 26.06 -23.03
CA PRO A 102 -7.40 26.33 -21.74
C PRO A 102 -7.44 25.15 -20.78
N THR A 103 -7.46 25.51 -19.49
CA THR A 103 -7.69 24.65 -18.35
C THR A 103 -8.91 25.19 -17.60
N MET A 104 -9.82 24.31 -17.20
CA MET A 104 -11.10 24.69 -16.61
C MET A 104 -11.21 24.29 -15.14
N LEU A 105 -11.99 25.07 -14.37
CA LEU A 105 -12.35 24.74 -13.01
C LEU A 105 -13.71 25.36 -12.70
N ILE A 106 -14.58 24.61 -12.01
CA ILE A 106 -15.86 25.15 -11.54
C ILE A 106 -15.76 25.36 -10.04
N ASP A 107 -15.96 26.60 -9.58
CA ASP A 107 -15.80 26.89 -8.16
C ASP A 107 -17.07 26.53 -7.37
N ASP A 108 -16.98 26.61 -6.05
CA ASP A 108 -18.08 26.22 -5.18
C ASP A 108 -19.30 27.14 -5.29
N GLU A 109 -19.19 28.29 -5.94
CA GLU A 109 -20.35 29.11 -6.23
C GLU A 109 -20.88 28.91 -7.64
N GLY A 110 -20.28 27.99 -8.38
CA GLY A 110 -20.76 27.67 -9.71
C GLY A 110 -20.15 28.49 -10.82
N TYR A 111 -19.23 29.39 -10.51
CA TYR A 111 -18.57 30.13 -11.59
C TYR A 111 -17.57 29.23 -12.28
N ILE A 112 -17.49 29.37 -13.61
CA ILE A 112 -16.56 28.60 -14.40
C ILE A 112 -15.33 29.45 -14.64
N HIS A 113 -14.17 28.91 -14.30
CA HIS A 113 -12.89 29.58 -14.48
C HIS A 113 -12.14 28.93 -15.62
N ILE A 114 -11.49 29.76 -16.43
CA ILE A 114 -10.67 29.32 -17.53
C ILE A 114 -9.29 29.96 -17.36
N PHE A 115 -8.25 29.13 -17.25
CA PHE A 115 -6.87 29.58 -17.21
C PHE A 115 -6.26 29.30 -18.58
N TYR A 116 -5.56 30.27 -19.15
CA TYR A 116 -5.19 30.15 -20.56
C TYR A 116 -4.14 31.18 -20.91
N GLY A 117 -3.58 31.05 -22.11
CA GLY A 117 -2.87 32.14 -22.75
C GLY A 117 -1.37 32.23 -22.49
N GLY A 118 -0.82 31.52 -21.51
CA GLY A 118 0.55 31.75 -21.10
C GLY A 118 1.56 30.83 -21.77
N HIS A 119 2.69 31.42 -22.18
CA HIS A 119 3.88 30.65 -22.49
C HIS A 119 5.08 31.29 -21.81
N GLY A 120 4.90 31.65 -20.55
CA GLY A 120 5.97 32.10 -19.69
C GLY A 120 6.10 33.61 -19.52
N GLY A 121 5.18 34.38 -20.07
CA GLY A 121 5.26 35.83 -19.98
C GLY A 121 6.42 36.39 -20.82
N GLN A 122 6.64 37.68 -20.65
CA GLN A 122 7.69 38.37 -21.38
C GLN A 122 8.15 39.56 -20.56
N ALA A 123 9.16 40.26 -21.07
CA ALA A 123 9.75 41.37 -20.32
C ALA A 123 8.74 42.45 -19.97
N SER A 124 7.70 42.66 -20.80
CA SER A 124 6.76 43.73 -20.53
C SER A 124 5.98 43.49 -19.25
N ASN A 125 5.96 42.25 -18.75
CA ASN A 125 5.20 41.91 -17.57
C ASN A 125 5.96 42.18 -16.28
N GLY A 126 7.27 42.34 -16.34
CA GLY A 126 8.09 42.49 -15.17
C GLY A 126 9.33 41.64 -15.26
N LYS A 127 10.10 41.65 -14.16
CA LYS A 127 11.19 40.70 -13.96
C LYS A 127 10.62 39.48 -13.26
N ASN A 128 10.73 38.31 -13.90
CA ASN A 128 10.24 37.07 -13.33
C ASN A 128 11.21 36.61 -12.24
N PRO A 129 10.79 36.56 -10.97
CA PRO A 129 11.74 36.24 -9.90
C PRO A 129 12.00 34.76 -9.72
N LEU A 130 11.26 33.90 -10.41
CA LEU A 130 11.37 32.47 -10.24
C LEU A 130 11.68 31.74 -11.53
N GLY A 131 12.03 32.46 -12.58
CA GLY A 131 12.35 31.80 -13.82
C GLY A 131 12.69 32.79 -14.91
N ASN A 132 12.80 32.25 -16.12
CA ASN A 132 12.97 33.05 -17.33
C ASN A 132 11.62 33.20 -18.02
N THR A 133 11.62 33.87 -19.17
CA THR A 133 10.39 34.19 -19.88
C THR A 133 10.49 33.75 -21.33
N HIS A 134 9.36 33.87 -22.04
CA HIS A 134 9.32 33.58 -23.46
C HIS A 134 8.31 34.53 -24.11
N HIS A 135 7.05 34.14 -24.24
CA HIS A 135 6.03 35.11 -24.63
C HIS A 135 4.67 34.64 -24.15
N GLY A 136 3.75 35.61 -24.06
CA GLY A 136 2.39 35.29 -23.71
C GLY A 136 2.15 35.27 -22.22
N ALA A 137 1.43 36.28 -21.74
CA ALA A 137 1.06 36.37 -20.33
C ALA A 137 -0.02 35.35 -20.01
N ASN A 138 0.19 34.64 -18.92
CA ASN A 138 -0.80 33.69 -18.43
C ASN A 138 -2.00 34.45 -17.85
N LYS A 139 -3.20 33.95 -18.16
CA LYS A 139 -4.43 34.70 -17.94
C LYS A 139 -5.48 33.83 -17.27
N HIS A 140 -6.51 34.52 -16.74
CA HIS A 140 -7.54 33.86 -15.96
C HIS A 140 -8.84 34.59 -16.23
N ALA A 141 -9.81 33.90 -16.81
CA ALA A 141 -11.13 34.43 -17.07
C ALA A 141 -12.14 33.69 -16.20
N VAL A 142 -13.26 34.35 -15.92
CA VAL A 142 -14.31 33.72 -15.12
C VAL A 142 -15.66 34.05 -15.74
N SER A 143 -16.58 33.10 -15.63
CA SER A 143 -17.92 33.37 -16.16
C SER A 143 -18.57 34.50 -15.35
N LYS A 144 -19.39 35.32 -16.04
CA LYS A 144 -20.04 36.43 -15.37
C LYS A 144 -21.12 35.95 -14.42
N ARG A 145 -21.72 34.80 -14.71
CA ARG A 145 -22.78 34.22 -13.91
C ARG A 145 -22.49 32.76 -13.66
N PRO A 146 -22.98 32.20 -12.54
CA PRO A 146 -22.75 30.77 -12.30
C PRO A 146 -23.42 29.91 -13.36
N TYR A 147 -22.71 28.87 -13.78
CA TYR A 147 -23.21 27.83 -14.69
C TYR A 147 -23.61 28.37 -16.06
N ASP A 148 -23.09 29.52 -16.45
CA ASP A 148 -23.46 30.17 -17.70
C ASP A 148 -22.17 30.40 -18.47
N ILE A 149 -21.99 29.66 -19.57
CA ILE A 149 -20.76 29.72 -20.33
C ILE A 149 -20.75 30.77 -21.42
N SER A 150 -21.78 31.63 -21.48
CA SER A 150 -21.92 32.54 -22.61
C SER A 150 -21.23 33.88 -22.42
N GLN A 151 -20.89 34.29 -21.19
CA GLN A 151 -20.34 35.62 -20.95
C GLN A 151 -19.22 35.53 -19.92
N TRP A 152 -18.15 36.28 -20.17
CA TRP A 152 -16.89 36.13 -19.46
C TRP A 152 -16.33 37.48 -19.04
N GLU A 153 -15.55 37.47 -17.97
CA GLU A 153 -14.78 38.64 -17.57
C GLU A 153 -13.37 38.20 -17.22
N ASP A 154 -12.45 39.14 -17.43
CA ASP A 154 -11.06 38.91 -17.12
C ASP A 154 -10.80 39.12 -15.63
N LEU A 155 -10.02 38.23 -15.02
N LEU A 155 -10.10 38.13 -15.06
CA LEU A 155 -9.49 38.53 -13.69
CA LEU A 155 -9.57 38.05 -13.70
C LEU A 155 -8.00 38.80 -13.72
C LEU A 155 -8.13 37.55 -13.71
N ASN A 156 -7.31 38.11 -14.60
CA ASN A 156 -5.87 37.99 -14.65
C ASN A 156 -5.20 38.34 -13.33
N ASN A 157 -5.47 37.51 -12.31
CA ASN A 157 -5.03 37.72 -10.93
C ASN A 157 -4.03 36.66 -10.49
N ILE A 158 -3.40 36.01 -11.45
CA ILE A 158 -2.32 35.05 -11.25
C ILE A 158 -1.09 35.66 -11.90
N THR A 159 0.09 35.12 -11.57
CA THR A 159 1.28 35.71 -12.18
C THR A 159 1.22 35.55 -13.70
N PRO A 160 1.65 36.55 -14.47
CA PRO A 160 1.70 36.37 -15.93
C PRO A 160 2.75 35.38 -16.37
N PHE A 161 3.72 35.07 -15.52
CA PHE A 161 4.83 34.19 -15.87
C PHE A 161 4.39 32.76 -15.57
N GLY A 162 3.65 32.20 -16.52
CA GLY A 162 3.11 30.85 -16.35
C GLY A 162 2.98 30.10 -17.65
N THR A 163 3.24 28.79 -17.59
CA THR A 163 2.97 27.83 -18.66
C THR A 163 2.43 26.57 -17.98
N TYR A 164 1.51 25.87 -18.64
CA TYR A 164 1.07 24.53 -18.26
C TYR A 164 0.13 24.52 -17.04
N ASN A 165 -0.99 25.21 -17.18
CA ASN A 165 -1.95 25.35 -16.08
C ASN A 165 -2.66 24.05 -15.77
N GLN A 166 -2.73 23.74 -14.48
CA GLN A 166 -3.37 22.53 -13.98
C GLN A 166 -4.12 22.96 -12.74
N ALA A 167 -5.45 22.85 -12.78
CA ALA A 167 -6.29 23.44 -11.76
C ALA A 167 -7.00 22.36 -10.96
N ILE A 168 -6.92 22.46 -9.63
CA ILE A 168 -7.48 21.46 -8.73
C ILE A 168 -8.29 22.16 -7.65
N LYS A 169 -9.50 21.66 -7.41
CA LYS A 169 -10.33 22.17 -6.32
C LYS A 169 -10.45 21.08 -5.26
N MET A 170 -10.22 21.44 -4.01
CA MET A 170 -10.35 20.48 -2.93
C MET A 170 -11.79 20.46 -2.39
N ASP A 171 -12.05 19.48 -1.50
CA ASP A 171 -13.40 19.32 -0.98
C ASP A 171 -13.88 20.56 -0.26
N ASN A 172 -12.98 21.32 0.36
CA ASN A 172 -13.37 22.53 1.08
C ASN A 172 -13.51 23.74 0.17
N GLY A 173 -13.36 23.57 -1.14
CA GLY A 173 -13.47 24.64 -2.09
C GLY A 173 -12.18 25.36 -2.41
N ASP A 174 -11.10 25.07 -1.69
CA ASP A 174 -9.84 25.74 -2.00
C ASP A 174 -9.37 25.34 -3.39
N ILE A 175 -8.75 26.30 -4.07
CA ILE A 175 -8.33 26.14 -5.46
C ILE A 175 -6.82 26.24 -5.52
N TYR A 176 -6.20 25.26 -6.17
CA TYR A 176 -4.76 25.27 -6.41
C TYR A 176 -4.52 25.28 -7.91
N LEU A 177 -3.72 26.23 -8.37
CA LEU A 177 -3.30 26.30 -9.76
C LEU A 177 -1.81 25.98 -9.81
N PHE A 178 -1.47 24.89 -10.48
CA PHE A 178 -0.10 24.44 -10.65
C PHE A 178 0.37 24.82 -12.05
N PHE A 179 1.61 25.28 -12.16
CA PHE A 179 2.17 25.72 -13.44
C PHE A 179 3.67 25.90 -13.29
N ARG A 180 4.34 25.99 -14.45
CA ARG A 180 5.73 26.40 -14.50
C ARG A 180 5.81 27.93 -14.48
N HIS A 181 6.59 28.49 -13.57
CA HIS A 181 6.62 29.94 -13.35
C HIS A 181 7.59 30.63 -14.32
N GLY A 182 7.31 30.43 -15.61
CA GLY A 182 8.11 31.00 -16.66
C GLY A 182 8.37 30.01 -17.79
N ALA A 183 9.49 30.17 -18.47
CA ALA A 183 9.91 29.24 -19.51
C ALA A 183 10.79 28.14 -18.90
N HIS A 184 11.70 27.52 -19.67
CA HIS A 184 12.37 26.30 -19.17
C HIS A 184 13.06 26.50 -17.84
N ARG A 185 13.75 27.61 -17.67
CA ARG A 185 14.67 27.75 -16.56
C ARG A 185 13.91 28.44 -15.42
N SER A 186 12.93 27.70 -14.91
CA SER A 186 11.96 28.24 -13.98
C SER A 186 11.55 27.18 -12.98
N ASP A 187 11.20 27.62 -11.78
CA ASP A 187 10.60 26.71 -10.82
C ASP A 187 9.18 26.35 -11.26
N TRP A 188 8.72 25.19 -10.80
CA TRP A 188 7.29 24.86 -10.83
C TRP A 188 6.69 25.26 -9.50
N VAL A 189 5.48 25.78 -9.54
CA VAL A 189 4.86 26.41 -8.40
C VAL A 189 3.38 26.04 -8.35
N TYR A 190 2.75 26.36 -7.24
CA TYR A 190 1.31 26.54 -7.22
C TYR A 190 0.95 27.90 -6.65
N GLN A 191 -0.24 28.37 -7.04
CA GLN A 191 -0.90 29.46 -6.35
C GLN A 191 -2.22 28.98 -5.79
N LYS A 192 -2.49 29.36 -4.55
CA LYS A 192 -3.64 28.89 -3.78
C LYS A 192 -4.64 30.03 -3.60
N SER A 193 -5.92 29.72 -3.79
CA SER A 193 -7.01 30.66 -3.52
C SER A 193 -8.01 30.01 -2.59
N VAL A 194 -8.42 30.75 -1.56
CA VAL A 194 -9.46 30.32 -0.62
C VAL A 194 -10.78 31.07 -0.81
N ASP A 195 -10.87 31.94 -1.82
CA ASP A 195 -12.07 32.75 -2.04
C ASP A 195 -12.64 32.53 -3.44
N ASN A 196 -12.64 31.26 -3.87
CA ASN A 196 -13.24 30.88 -5.15
C ASN A 196 -12.52 31.50 -6.34
N GLY A 197 -11.21 31.68 -6.21
CA GLY A 197 -10.40 32.11 -7.34
C GLY A 197 -10.40 33.60 -7.57
N ARG A 198 -10.93 34.38 -6.64
CA ARG A 198 -10.97 35.83 -6.79
C ARG A 198 -9.66 36.48 -6.37
N THR A 199 -8.93 35.86 -5.43
CA THR A 199 -7.57 36.27 -5.13
C THR A 199 -6.72 35.04 -4.87
N PHE A 200 -5.45 35.14 -5.24
CA PHE A 200 -4.49 34.05 -5.09
C PHE A 200 -3.32 34.53 -4.26
N ALA A 201 -2.83 33.65 -3.41
CA ALA A 201 -1.61 33.90 -2.66
C ALA A 201 -0.39 33.80 -3.59
N SER A 202 0.75 34.26 -3.08
CA SER A 202 1.96 34.24 -3.87
C SER A 202 2.37 32.81 -4.21
N PRO A 203 3.04 32.61 -5.33
CA PRO A 203 3.48 31.27 -5.71
C PRO A 203 4.36 30.61 -4.66
N VAL A 204 4.15 29.29 -4.54
CA VAL A 204 4.96 28.42 -3.70
C VAL A 204 5.70 27.46 -4.64
N SER A 205 7.04 27.51 -4.58
CA SER A 205 7.86 26.65 -5.44
C SER A 205 7.91 25.23 -4.89
N PHE A 206 7.63 24.23 -5.74
CA PHE A 206 7.76 22.84 -5.34
C PHE A 206 8.81 22.05 -6.13
N LEU A 207 9.26 22.54 -7.27
CA LEU A 207 10.39 21.97 -7.98
C LEU A 207 11.35 23.09 -8.32
N LYS A 208 12.63 22.89 -8.00
CA LYS A 208 13.67 23.91 -8.14
C LYS A 208 14.40 23.80 -9.47
N HIS A 209 14.51 24.94 -10.16
CA HIS A 209 15.49 25.08 -11.24
C HIS A 209 16.75 25.73 -10.69
N LYS A 210 17.89 25.35 -11.24
CA LYS A 210 19.19 25.85 -10.79
C LYS A 210 20.27 25.30 -11.72
N ARG A 211 21.44 25.95 -11.67
CA ARG A 211 22.57 25.47 -12.45
C ARG A 211 23.04 24.14 -11.89
N ARG A 212 23.39 23.23 -12.79
CA ARG A 212 24.15 22.05 -12.40
C ARG A 212 25.61 22.39 -12.16
N THR A 213 26.22 21.67 -11.24
CA THR A 213 27.64 21.87 -10.95
C THR A 213 28.55 20.90 -11.70
N ASP A 214 27.99 19.93 -12.42
CA ASP A 214 28.78 18.91 -13.11
C ASP A 214 28.79 19.05 -14.62
N ILE A 215 27.78 19.70 -15.21
CA ILE A 215 27.67 19.90 -16.65
C ILE A 215 27.11 21.30 -16.90
N ASP A 216 27.23 21.76 -18.15
CA ASP A 216 26.78 23.10 -18.53
C ASP A 216 25.30 23.07 -18.92
N ALA A 217 24.46 22.91 -17.89
CA ALA A 217 23.03 22.78 -18.07
C ALA A 217 22.35 23.25 -16.79
N VAL A 218 21.04 23.40 -16.89
CA VAL A 218 20.20 23.86 -15.78
C VAL A 218 19.17 22.77 -15.50
N ASP A 219 18.91 22.51 -14.23
CA ASP A 219 17.83 21.61 -13.86
C ASP A 219 16.49 22.23 -14.26
N SER A 220 15.67 21.46 -14.95
CA SER A 220 14.37 21.89 -15.46
C SER A 220 13.43 20.71 -15.36
N TRP A 221 12.12 20.98 -15.36
CA TRP A 221 11.15 19.96 -15.02
C TRP A 221 9.87 20.08 -15.85
N TYR A 222 9.12 18.97 -15.89
CA TYR A 222 7.75 18.98 -16.37
C TYR A 222 6.90 18.14 -15.44
N ALA A 223 5.81 18.71 -14.94
CA ALA A 223 5.00 18.06 -13.92
C ALA A 223 3.56 17.95 -14.34
N TRP A 224 2.87 16.94 -13.78
CA TRP A 224 1.44 16.74 -13.92
C TRP A 224 0.89 16.52 -12.52
N ALA A 225 0.00 17.42 -12.10
CA ALA A 225 -0.61 17.36 -10.79
C ALA A 225 -2.07 17.01 -10.91
N GLY A 226 -2.54 16.11 -10.05
CA GLY A 226 -3.93 15.72 -10.04
C GLY A 226 -4.38 15.38 -8.62
N LYS A 227 -5.68 15.13 -8.49
CA LYS A 227 -6.21 14.72 -7.20
C LYS A 227 -5.68 13.36 -6.79
N GLY A 228 -5.40 13.23 -5.50
CA GLY A 228 -5.18 11.97 -4.87
C GLY A 228 -6.41 11.54 -4.12
N GLN A 229 -6.21 10.98 -2.94
CA GLN A 229 -7.33 10.65 -2.08
C GLN A 229 -7.30 11.59 -0.88
N GLY A 230 -8.50 11.83 -0.33
CA GLY A 230 -8.59 12.68 0.84
C GLY A 230 -8.26 14.12 0.49
N ASP A 231 -7.35 14.71 1.25
CA ASP A 231 -6.92 16.08 0.99
C ASP A 231 -5.56 16.12 0.29
N ASN A 232 -5.20 15.05 -0.41
CA ASN A 232 -3.91 15.00 -1.10
C ASN A 232 -4.03 15.31 -2.58
N ILE A 233 -2.99 15.95 -3.09
CA ILE A 233 -2.73 16.12 -4.51
C ILE A 233 -1.48 15.32 -4.83
N ILE A 234 -1.48 14.65 -5.99
CA ILE A 234 -0.37 13.81 -6.40
C ILE A 234 0.26 14.42 -7.64
N VAL A 235 1.58 14.26 -7.77
CA VAL A 235 2.34 14.92 -8.83
C VAL A 235 3.35 13.93 -9.40
N SER A 236 3.29 13.70 -10.73
CA SER A 236 4.31 12.96 -11.43
C SER A 236 5.08 13.94 -12.31
N TYR A 237 6.36 13.67 -12.51
CA TYR A 237 7.17 14.63 -13.23
C TYR A 237 8.36 13.95 -13.88
N ASP A 238 8.82 14.53 -14.98
CA ASP A 238 10.10 14.12 -15.58
C ASP A 238 11.08 15.29 -15.54
N TYR A 239 12.35 14.94 -15.75
CA TYR A 239 13.45 15.90 -15.67
C TYR A 239 13.94 16.29 -17.04
N HIS A 240 14.10 17.60 -17.26
CA HIS A 240 14.65 18.16 -18.49
C HIS A 240 16.10 18.60 -18.23
N VAL A 241 17.03 18.00 -18.97
CA VAL A 241 18.41 18.46 -19.01
C VAL A 241 18.41 19.69 -19.93
N CYS A 242 18.46 20.87 -19.34
CA CYS A 242 18.31 22.10 -20.11
C CYS A 242 19.71 22.63 -20.42
N TRP A 243 20.23 22.22 -21.57
CA TRP A 243 21.61 22.48 -21.93
C TRP A 243 21.83 23.93 -22.34
N ASP A 244 22.98 24.47 -21.94
CA ASP A 244 23.42 25.76 -22.47
C ASP A 244 23.69 25.61 -23.96
N GLY A 245 23.59 26.73 -24.68
CA GLY A 245 23.94 26.72 -26.09
C GLY A 245 25.36 26.22 -26.30
N GLY A 246 25.57 25.39 -27.32
CA GLY A 246 26.87 24.86 -27.64
C GLY A 246 27.38 23.77 -26.71
N ALA A 247 26.63 23.44 -25.65
CA ALA A 247 27.05 22.41 -24.70
C ALA A 247 26.62 21.04 -25.22
N GLY A 248 26.85 20.02 -24.39
CA GLY A 248 26.44 18.67 -24.72
C GLY A 248 27.46 17.95 -25.58
N VAL A 249 27.03 16.78 -26.08
CA VAL A 249 27.89 15.96 -26.92
C VAL A 249 28.10 16.65 -28.27
N ASN A 250 29.36 16.81 -28.66
CA ASN A 250 29.72 17.40 -29.96
C ASN A 250 28.99 18.71 -30.22
N GLY A 251 28.79 19.50 -29.16
CA GLY A 251 28.13 20.79 -29.31
C GLY A 251 26.68 20.71 -29.73
N ARG A 252 25.98 19.63 -29.38
CA ARG A 252 24.60 19.48 -29.79
C ARG A 252 23.75 20.64 -29.29
N GLY A 253 24.07 21.18 -28.12
CA GLY A 253 23.37 22.35 -27.63
C GLY A 253 22.01 22.01 -27.02
N HIS A 254 21.13 23.00 -27.05
CA HIS A 254 19.87 22.86 -26.34
C HIS A 254 18.88 22.02 -27.15
N THR A 255 18.36 20.96 -26.52
CA THR A 255 17.37 20.07 -27.12
C THR A 255 16.18 19.93 -26.18
N THR A 256 15.26 19.03 -26.50
CA THR A 256 14.16 18.70 -25.60
C THR A 256 14.48 17.52 -24.68
N GLU A 257 15.76 17.20 -24.50
CA GLU A 257 16.15 16.03 -23.72
C GLU A 257 15.50 16.01 -22.35
N ARG A 258 14.75 14.93 -22.08
CA ARG A 258 14.13 14.70 -20.79
C ARG A 258 14.33 13.23 -20.46
N HIS A 259 14.41 12.91 -19.17
CA HIS A 259 14.52 11.52 -18.75
C HIS A 259 13.74 11.29 -17.47
N ASP A 260 13.40 10.02 -17.26
CA ASP A 260 12.97 9.45 -15.99
C ASP A 260 11.58 9.93 -15.60
N VAL A 261 11.03 9.34 -14.55
CA VAL A 261 9.76 9.81 -14.00
C VAL A 261 9.80 9.66 -12.49
N TYR A 262 9.23 10.65 -11.82
CA TYR A 262 9.26 10.81 -10.37
C TYR A 262 7.83 11.01 -9.88
N PHE A 263 7.65 10.83 -8.57
CA PHE A 263 6.34 10.92 -7.93
C PHE A 263 6.44 11.51 -6.53
N MET A 264 5.51 12.41 -6.20
CA MET A 264 5.37 12.86 -4.82
C MET A 264 3.93 13.30 -4.57
N SER A 265 3.62 13.49 -3.29
CA SER A 265 2.27 13.82 -2.84
CA SER A 265 2.27 13.84 -2.85
C SER A 265 2.31 15.08 -1.98
N PHE A 266 1.22 15.85 -2.03
CA PHE A 266 1.06 17.12 -1.34
C PHE A 266 -0.18 17.00 -0.48
N ASN A 267 -0.01 17.05 0.84
CA ASN A 267 -1.14 17.08 1.75
C ASN A 267 -1.60 18.52 1.89
N THR A 268 -2.76 18.84 1.32
CA THR A 268 -3.19 20.24 1.32
C THR A 268 -3.67 20.72 2.68
N LYS A 269 -3.95 19.82 3.63
CA LYS A 269 -4.37 20.25 4.95
C LYS A 269 -3.17 20.69 5.79
N THR A 270 -2.08 19.92 5.74
CA THR A 270 -0.90 20.24 6.52
C THR A 270 0.11 21.09 5.75
N GLY A 271 0.03 21.08 4.42
CA GLY A 271 0.97 21.79 3.58
C GLY A 271 2.21 21.00 3.23
N GLU A 272 2.38 19.80 3.79
CA GLU A 272 3.60 19.04 3.65
C GLU A 272 3.58 18.08 2.46
N TRP A 273 4.75 17.91 1.86
CA TRP A 273 4.96 17.04 0.71
C TRP A 273 5.74 15.80 1.15
N SER A 274 5.50 14.69 0.45
CA SER A 274 6.12 13.44 0.82
C SER A 274 6.29 12.55 -0.40
N ASN A 275 7.19 11.57 -0.28
CA ASN A 275 7.34 10.57 -1.32
C ASN A 275 6.34 9.45 -1.09
N VAL A 276 6.38 8.42 -1.95
CA VAL A 276 5.39 7.35 -1.90
C VAL A 276 5.44 6.58 -0.60
N GLU A 277 6.56 6.64 0.12
CA GLU A 277 6.69 5.96 1.39
C GLU A 277 6.37 6.87 2.57
N GLY A 278 5.87 8.06 2.30
CA GLY A 278 5.49 8.97 3.36
C GLY A 278 6.61 9.81 3.92
N GLU A 279 7.83 9.69 3.41
CA GLU A 279 8.91 10.51 3.93
C GLU A 279 8.71 11.95 3.47
N LYS A 280 8.87 12.88 4.42
CA LYS A 280 8.58 14.28 4.14
C LYS A 280 9.74 14.93 3.41
N LEU A 281 9.39 15.84 2.50
CA LEU A 281 10.34 16.52 1.63
C LEU A 281 10.36 18.01 1.93
N VAL A 282 11.56 18.59 1.89
CA VAL A 282 11.70 20.04 1.99
C VAL A 282 11.48 20.66 0.63
N LEU A 283 10.70 21.74 0.57
CA LEU A 283 10.46 22.40 -0.69
C LEU A 283 11.40 23.59 -0.87
N PRO A 284 11.76 23.91 -2.12
CA PRO A 284 11.40 23.18 -3.34
C PRO A 284 12.28 21.96 -3.50
N VAL A 285 11.73 20.91 -4.11
CA VAL A 285 12.47 19.69 -4.34
C VAL A 285 13.52 19.93 -5.42
N THR A 286 14.76 19.54 -5.14
CA THR A 286 15.85 19.61 -6.08
C THR A 286 16.04 18.27 -6.78
N ARG A 287 16.79 18.31 -7.88
CA ARG A 287 17.13 17.08 -8.58
C ARG A 287 17.80 16.08 -7.66
N GLU A 288 18.70 16.55 -6.79
CA GLU A 288 19.43 15.63 -5.93
C GLU A 288 18.49 14.94 -4.95
N VAL A 289 17.57 15.69 -4.37
CA VAL A 289 16.59 15.07 -3.47
C VAL A 289 15.65 14.17 -4.24
N ALA A 290 15.22 14.59 -5.43
CA ALA A 290 14.31 13.77 -6.22
C ALA A 290 14.95 12.43 -6.57
N ASP A 291 16.20 12.45 -7.04
CA ASP A 291 16.87 11.19 -7.36
C ASP A 291 16.99 10.28 -6.16
N GLU A 292 17.10 10.85 -4.96
CA GLU A 292 17.23 10.06 -3.74
C GLU A 292 15.89 9.56 -3.22
N LYS A 293 14.81 10.35 -3.37
CA LYS A 293 13.59 10.13 -2.62
C LYS A 293 12.33 9.94 -3.44
N THR A 294 12.24 10.50 -4.65
CA THR A 294 10.99 10.47 -5.39
C THR A 294 11.07 9.77 -6.74
N MET A 295 12.24 9.31 -7.18
CA MET A 295 12.32 8.59 -8.45
C MET A 295 11.35 7.42 -8.44
N ALA A 296 10.60 7.29 -9.53
CA ALA A 296 9.69 6.16 -9.72
C ALA A 296 10.18 5.19 -10.78
N MET A 297 10.70 5.66 -11.90
CA MET A 297 11.28 4.75 -12.89
C MET A 297 12.30 5.51 -13.73
N ARG A 298 13.52 4.99 -13.76
CA ARG A 298 14.54 5.51 -14.66
C ARG A 298 14.26 5.00 -16.06
N THR A 299 14.56 5.83 -17.05
CA THR A 299 14.32 5.46 -18.45
C THR A 299 15.62 5.30 -19.23
N GLY A 300 16.74 5.21 -18.54
CA GLY A 300 18.01 5.02 -19.22
C GLY A 300 18.28 6.18 -20.16
N GLU A 301 18.70 5.85 -21.38
CA GLU A 301 18.94 6.86 -22.40
C GLU A 301 17.67 7.27 -23.13
N LEU A 302 16.53 6.64 -22.85
CA LEU A 302 15.30 7.02 -23.53
C LEU A 302 14.91 8.44 -23.12
N TRP A 303 14.41 9.20 -24.09
CA TRP A 303 13.89 10.54 -23.86
C TRP A 303 12.40 10.47 -23.53
N THR A 304 11.97 11.27 -22.57
CA THR A 304 10.61 11.19 -22.04
C THR A 304 9.75 12.39 -22.44
N PHE A 305 8.46 12.18 -22.32
CA PHE A 305 7.46 13.22 -22.41
C PHE A 305 6.41 12.82 -21.40
N ASN A 306 6.16 13.68 -20.43
CA ASN A 306 5.38 13.28 -19.28
C ASN A 306 3.94 12.95 -19.64
N GLY A 307 3.32 12.13 -18.80
CA GLY A 307 1.94 11.72 -18.94
C GLY A 307 1.14 12.18 -17.74
N SER A 308 0.62 11.25 -16.94
CA SER A 308 -0.30 11.59 -15.86
C SER A 308 -0.16 10.52 -14.78
N THR A 309 -0.83 10.75 -13.66
CA THR A 309 -0.77 9.82 -12.54
C THR A 309 -2.13 9.75 -11.84
N HIS A 310 -2.45 8.55 -11.36
CA HIS A 310 -3.70 8.28 -10.66
C HIS A 310 -3.46 7.19 -9.63
N LEU A 311 -4.21 7.25 -8.53
CA LEU A 311 -4.11 6.23 -7.49
C LEU A 311 -5.09 5.11 -7.72
N ASP A 312 -4.66 3.87 -7.41
CA ASP A 312 -5.57 2.73 -7.43
C ASP A 312 -6.38 2.69 -6.13
N ALA A 313 -7.25 1.69 -6.04
CA ALA A 313 -8.18 1.56 -4.93
C ALA A 313 -7.48 1.30 -3.61
N GLN A 314 -6.23 0.86 -3.65
CA GLN A 314 -5.44 0.70 -2.44
C GLN A 314 -4.62 1.94 -2.12
N GLY A 315 -4.80 3.02 -2.86
CA GLY A 315 -4.05 4.24 -2.63
C GLY A 315 -2.68 4.28 -3.25
N GLN A 316 -2.34 3.29 -4.08
CA GLN A 316 -1.00 3.20 -4.62
C GLN A 316 -0.93 3.93 -5.96
N PRO A 317 0.13 4.70 -6.21
CA PRO A 317 0.21 5.46 -7.46
C PRO A 317 0.59 4.61 -8.67
N HIS A 318 -0.08 4.93 -9.77
CA HIS A 318 0.23 4.49 -11.12
C HIS A 318 0.58 5.72 -11.95
N ILE A 319 1.47 5.51 -12.90
CA ILE A 319 2.04 6.60 -13.69
C ILE A 319 2.05 6.20 -15.17
N ALA A 320 1.59 7.10 -16.03
CA ALA A 320 1.81 7.00 -17.47
C ALA A 320 2.99 7.90 -17.82
N ILE A 321 3.99 7.33 -18.48
CA ILE A 321 5.16 8.07 -18.90
C ILE A 321 5.42 7.72 -20.36
N ASN A 322 5.60 8.74 -21.22
CA ASN A 322 5.97 8.44 -22.59
C ASN A 322 7.47 8.47 -22.72
N ALA A 323 8.02 7.55 -23.50
CA ALA A 323 9.46 7.55 -23.71
C ALA A 323 9.77 6.93 -25.05
N GLY A 324 10.92 7.31 -25.60
CA GLY A 324 11.32 6.81 -26.90
C GLY A 324 12.80 6.98 -27.14
N ILE A 325 13.29 6.27 -28.15
CA ILE A 325 14.72 6.29 -28.46
C ILE A 325 15.10 7.63 -29.07
N ASP A 326 16.25 8.16 -28.65
CA ASP A 326 16.84 9.36 -29.24
C ASP A 326 17.47 8.99 -30.58
N LYS A 327 16.87 9.48 -31.66
CA LYS A 327 17.38 9.24 -33.01
C LYS A 327 18.16 10.43 -33.55
N GLY A 328 18.52 11.40 -32.71
CA GLY A 328 19.36 12.52 -33.10
C GLY A 328 18.62 13.79 -33.45
N ALA A 329 17.28 13.75 -33.52
CA ALA A 329 16.51 14.95 -33.75
C ALA A 329 16.53 15.85 -32.51
N LYS A 330 16.23 17.14 -32.72
CA LYS A 330 16.13 18.07 -31.60
C LYS A 330 15.09 17.60 -30.59
N THR A 331 14.09 16.84 -31.05
CA THR A 331 13.08 16.24 -30.19
C THR A 331 13.36 14.76 -29.89
N GLY A 332 14.53 14.26 -30.25
CA GLY A 332 14.88 12.88 -29.98
C GLY A 332 14.32 11.93 -31.01
N GLY A 333 13.06 11.54 -30.82
CA GLY A 333 12.38 10.59 -31.68
C GLY A 333 10.99 10.32 -31.15
N PRO A 334 10.19 9.55 -31.87
CA PRO A 334 8.83 9.25 -31.41
C PRO A 334 8.84 8.50 -30.09
N LYS A 335 7.84 8.80 -29.26
CA LYS A 335 7.74 8.28 -27.91
C LYS A 335 6.41 7.59 -27.69
N GLN A 336 6.44 6.49 -26.96
CA GLN A 336 5.29 5.64 -26.68
C GLN A 336 4.97 5.62 -25.19
N THR A 337 3.68 5.61 -24.86
CA THR A 337 3.26 5.55 -23.47
C THR A 337 3.63 4.21 -22.86
N ARG A 338 4.15 4.27 -21.62
CA ARG A 338 4.46 3.11 -20.80
C ARG A 338 3.83 3.27 -19.43
N HIS A 339 3.58 2.14 -18.76
CA HIS A 339 2.86 2.15 -17.49
C HIS A 339 3.80 1.74 -16.36
N VAL A 340 3.77 2.51 -15.27
CA VAL A 340 4.59 2.28 -14.08
C VAL A 340 3.67 2.30 -12.87
N ARG A 341 3.95 1.48 -11.86
CA ARG A 341 3.15 1.53 -10.65
C ARG A 341 3.95 1.14 -9.42
N TRP A 342 3.48 1.61 -8.28
CA TRP A 342 4.00 1.24 -6.97
C TRP A 342 3.19 0.04 -6.46
N ASN A 343 3.88 -1.06 -6.16
CA ASN A 343 3.18 -2.28 -5.78
C ASN A 343 3.04 -2.43 -4.28
N GLY A 344 3.41 -1.40 -3.51
CA GLY A 344 3.39 -1.43 -2.08
C GLY A 344 4.76 -1.56 -1.48
N ASN A 345 5.74 -2.07 -2.25
CA ASN A 345 7.09 -2.22 -1.75
C ASN A 345 8.13 -1.65 -2.72
N GLU A 346 7.82 -1.63 -4.01
CA GLU A 346 8.76 -1.15 -4.99
C GLU A 346 7.98 -0.65 -6.21
N TRP A 347 8.65 0.18 -7.00
CA TRP A 347 8.11 0.58 -8.29
C TRP A 347 8.41 -0.51 -9.31
N VAL A 348 7.38 -0.82 -10.10
CA VAL A 348 7.47 -1.87 -11.11
C VAL A 348 6.93 -1.32 -12.42
N GLY A 349 7.21 -2.06 -13.49
CA GLY A 349 6.64 -1.73 -14.77
C GLY A 349 7.60 -1.08 -15.73
N GLY A 350 7.09 -0.16 -16.53
CA GLY A 350 7.84 0.46 -17.59
C GLY A 350 7.55 -0.11 -18.95
N ASP A 351 6.64 -1.08 -19.05
CA ASP A 351 6.30 -1.69 -20.34
C ASP A 351 5.41 -0.77 -21.16
N LYS A 352 5.60 -0.83 -22.48
CA LYS A 352 4.75 -0.06 -23.39
C LYS A 352 3.32 -0.55 -23.29
N VAL A 353 2.38 0.39 -23.34
CA VAL A 353 0.97 0.06 -23.39
C VAL A 353 0.65 -0.70 -24.67
N ILE A 354 1.04 -0.15 -25.81
CA ILE A 354 0.81 -0.78 -27.11
C ILE A 354 2.04 -1.63 -27.43
N PRO A 355 1.93 -2.95 -27.45
CA PRO A 355 3.12 -3.79 -27.63
C PRO A 355 3.79 -3.55 -28.97
N GLN A 356 5.12 -3.46 -28.94
CA GLN A 356 5.95 -3.36 -30.15
C GLN A 356 5.65 -2.13 -31.00
N TYR A 357 4.97 -1.13 -30.46
CA TYR A 357 4.67 0.06 -31.25
C TYR A 357 5.88 1.00 -31.17
N GLU A 358 6.25 1.57 -32.31
CA GLU A 358 7.45 2.39 -32.39
C GLU A 358 7.17 3.81 -32.85
N ARG A 359 5.90 4.20 -33.01
CA ARG A 359 5.55 5.54 -33.43
C ARG A 359 5.07 6.31 -32.19
N VAL A 360 4.28 7.34 -32.39
CA VAL A 360 3.83 8.19 -31.29
C VAL A 360 2.55 7.61 -30.69
N SER A 361 2.52 7.46 -29.36
CA SER A 361 1.27 7.16 -28.69
C SER A 361 1.14 8.02 -27.45
N ARG A 362 -0.09 8.37 -27.11
CA ARG A 362 -0.42 9.16 -25.92
C ARG A 362 -1.70 8.59 -25.33
N GLY A 363 -1.91 8.76 -24.04
CA GLY A 363 -3.16 8.29 -23.47
C GLY A 363 -3.23 8.59 -21.99
N ASP A 364 -4.45 8.68 -21.51
CA ASP A 364 -4.72 8.72 -20.07
C ASP A 364 -5.35 7.40 -19.67
N PHE A 365 -5.36 7.12 -18.37
CA PHE A 365 -5.82 5.81 -17.92
C PHE A 365 -6.67 5.94 -16.68
N MET A 366 -7.42 4.89 -16.43
CA MET A 366 -8.20 4.69 -15.20
CA MET A 366 -8.14 4.72 -15.17
C MET A 366 -7.74 3.39 -14.57
N VAL A 367 -7.70 3.34 -13.26
CA VAL A 367 -7.28 2.17 -12.53
C VAL A 367 -8.22 1.95 -11.36
N THR A 368 -8.58 0.70 -11.12
CA THR A 368 -9.44 0.33 -10.01
C THR A 368 -8.61 -0.52 -9.07
N ASP A 369 -8.78 -1.84 -9.06
CA ASP A 369 -7.83 -2.71 -8.39
C ASP A 369 -6.45 -2.46 -9.00
N PRO A 370 -5.39 -2.72 -8.23
CA PRO A 370 -4.03 -2.47 -8.75
C PRO A 370 -3.72 -3.20 -10.05
N GLU A 371 -4.37 -4.32 -10.31
CA GLU A 371 -4.06 -5.10 -11.50
C GLU A 371 -4.85 -4.65 -12.72
N ASN A 372 -5.90 -3.84 -12.54
CA ASN A 372 -6.88 -3.55 -13.59
CA ASN A 372 -6.87 -3.55 -13.58
C ASN A 372 -6.70 -2.10 -14.03
N ILE A 373 -6.10 -1.91 -15.20
CA ILE A 373 -5.81 -0.59 -15.75
C ILE A 373 -6.36 -0.52 -17.18
N ARG A 374 -7.04 0.59 -17.50
N ARG A 374 -7.03 0.59 -17.50
CA ARG A 374 -7.57 0.83 -18.84
CA ARG A 374 -7.57 0.81 -18.85
C ARG A 374 -7.04 2.16 -19.33
C ARG A 374 -7.09 2.16 -19.35
N TYR A 375 -6.42 2.17 -20.50
CA TYR A 375 -6.03 3.40 -21.17
C TYR A 375 -7.00 3.69 -22.29
N LEU A 376 -7.32 4.96 -22.47
CA LEU A 376 -7.89 5.45 -23.72
C LEU A 376 -6.74 6.18 -24.40
N THR A 377 -6.23 5.57 -25.47
CA THR A 377 -4.97 5.99 -26.05
C THR A 377 -5.11 6.25 -27.53
N THR A 378 -4.41 7.26 -28.02
CA THR A 378 -4.36 7.51 -29.45
C THR A 378 -3.01 7.12 -30.03
N TYR A 379 -3.06 6.59 -31.24
CA TYR A 379 -1.90 6.17 -32.00
C TYR A 379 -2.29 6.26 -33.46
N ASN A 380 -1.32 6.15 -34.36
CA ASN A 380 -1.64 6.12 -35.77
CA ASN A 380 -1.58 6.14 -35.79
C ASN A 380 -1.35 4.74 -36.35
N GLN A 381 -2.18 4.34 -37.30
CA GLN A 381 -1.94 3.16 -38.10
C GLN A 381 -1.89 3.67 -39.53
N ASP A 382 -0.72 3.60 -40.13
CA ASP A 382 -0.50 4.22 -41.43
C ASP A 382 -0.83 5.69 -41.23
N ASN A 383 -1.64 6.31 -42.09
CA ASN A 383 -1.99 7.71 -41.96
C ASN A 383 -3.31 7.93 -41.24
N ASP A 384 -3.83 6.90 -40.58
CA ASP A 384 -5.10 6.99 -39.86
C ASP A 384 -4.87 7.24 -38.40
N ALA A 385 -5.74 8.05 -37.81
CA ALA A 385 -5.73 8.31 -36.38
C ALA A 385 -6.69 7.35 -35.68
N VAL A 386 -6.23 6.75 -34.59
CA VAL A 386 -7.03 5.79 -33.84
C VAL A 386 -7.09 6.24 -32.39
N LEU A 387 -8.27 6.14 -31.78
CA LEU A 387 -8.45 6.34 -30.34
C LEU A 387 -9.17 5.10 -29.82
N SER A 388 -8.52 4.30 -28.98
CA SER A 388 -9.11 3.04 -28.56
C SER A 388 -8.74 2.73 -27.12
N TRP A 389 -9.54 1.86 -26.53
CA TRP A 389 -9.32 1.39 -25.16
C TRP A 389 -8.34 0.22 -25.16
N TRP A 390 -7.40 0.25 -24.23
CA TRP A 390 -6.44 -0.84 -24.00
C TRP A 390 -6.52 -1.25 -22.55
N GLN A 391 -6.70 -2.56 -22.31
CA GLN A 391 -7.01 -3.10 -20.99
C GLN A 391 -5.90 -4.04 -20.54
N SER A 392 -5.46 -3.87 -19.30
CA SER A 392 -4.57 -4.81 -18.66
C SER A 392 -5.28 -5.39 -17.44
N HIS A 393 -5.04 -6.68 -17.19
CA HIS A 393 -5.44 -7.32 -15.94
C HIS A 393 -4.27 -7.87 -15.16
N ASP A 394 -3.04 -7.49 -15.51
CA ASP A 394 -1.84 -7.94 -14.81
C ASP A 394 -1.00 -6.77 -14.32
N GLY A 395 -1.67 -5.66 -13.99
CA GLY A 395 -0.98 -4.53 -13.40
C GLY A 395 -0.14 -3.75 -14.39
N GLY A 396 -0.41 -3.88 -15.68
CA GLY A 396 0.22 -3.05 -16.68
C GLY A 396 1.39 -3.68 -17.39
N GLU A 397 1.64 -4.98 -17.19
CA GLU A 397 2.68 -5.66 -17.95
C GLU A 397 2.22 -5.91 -19.39
N HIS A 398 0.94 -6.24 -19.57
CA HIS A 398 0.40 -6.47 -20.91
C HIS A 398 -0.97 -5.81 -21.01
N PHE A 399 -1.20 -5.14 -22.14
CA PHE A 399 -2.49 -4.56 -22.47
C PHE A 399 -2.99 -5.15 -23.78
N VAL A 400 -4.32 -5.28 -23.87
CA VAL A 400 -5.00 -5.80 -25.05
C VAL A 400 -5.98 -4.73 -25.52
N GLU A 401 -6.06 -4.52 -26.83
CA GLU A 401 -6.96 -3.50 -27.37
C GLU A 401 -8.40 -4.01 -27.32
N ASP A 402 -9.30 -3.14 -26.86
CA ASP A 402 -10.73 -3.40 -26.86
C ASP A 402 -11.40 -2.44 -27.86
N LYS A 403 -12.40 -1.68 -27.47
CA LYS A 403 -13.19 -0.94 -28.44
C LYS A 403 -12.43 0.28 -28.97
N THR A 404 -12.59 0.53 -30.26
CA THR A 404 -12.20 1.80 -30.86
C THR A 404 -13.35 2.79 -30.73
N VAL A 405 -13.06 3.98 -30.20
CA VAL A 405 -14.07 4.99 -29.94
CA VAL A 405 -14.09 4.99 -29.94
C VAL A 405 -14.13 6.02 -31.06
N LEU A 406 -12.99 6.24 -31.73
CA LEU A 406 -12.95 7.19 -32.84
C LEU A 406 -11.78 6.82 -33.73
N ARG A 407 -12.01 6.85 -35.04
CA ARG A 407 -10.94 6.55 -35.99
C ARG A 407 -11.17 7.43 -37.21
N LYS A 408 -10.13 8.15 -37.63
CA LYS A 408 -10.26 9.04 -38.78
C LYS A 408 -9.08 8.88 -39.74
N ASP A 409 -9.38 8.67 -41.00
CA ASP A 409 -8.35 8.59 -42.01
C ASP A 409 -7.68 9.95 -42.19
N ASN A 410 -6.40 9.92 -42.55
CA ASN A 410 -5.69 11.11 -43.01
C ASN A 410 -5.68 12.20 -41.94
N ALA A 411 -5.40 11.80 -40.70
CA ALA A 411 -5.48 12.72 -39.57
C ALA A 411 -4.60 12.18 -38.46
N SER A 412 -4.42 13.03 -37.44
CA SER A 412 -3.83 12.61 -36.17
CA SER A 412 -3.85 12.59 -36.16
C SER A 412 -4.66 13.26 -35.07
N PHE A 413 -4.67 12.65 -33.89
CA PHE A 413 -5.49 13.16 -32.80
C PHE A 413 -4.64 13.83 -31.73
N ALA A 414 -5.12 14.96 -31.23
CA ALA A 414 -4.73 15.50 -29.94
C ALA A 414 -5.83 15.15 -28.96
N ILE A 415 -5.45 14.80 -27.74
CA ILE A 415 -6.44 14.38 -26.73
C ILE A 415 -6.25 15.14 -25.43
N SER A 416 -7.35 15.25 -24.69
CA SER A 416 -7.31 15.73 -23.31
C SER A 416 -7.06 14.59 -22.34
N ALA A 417 -6.78 14.95 -21.11
CA ALA A 417 -6.91 14.01 -20.01
C ALA A 417 -8.39 13.66 -19.84
N PHE A 418 -8.66 12.57 -19.12
CA PHE A 418 -10.04 12.25 -18.82
C PHE A 418 -10.73 13.42 -18.13
N ILE A 419 -11.98 13.64 -18.53
CA ILE A 419 -12.83 14.68 -17.97
C ILE A 419 -13.06 14.46 -16.49
N LYS A 420 -13.00 15.56 -15.73
CA LYS A 420 -13.22 15.49 -14.29
C LYS A 420 -14.62 15.00 -14.00
N ASP A 421 -14.75 13.98 -13.16
CA ASP A 421 -16.03 13.43 -12.76
C ASP A 421 -16.82 12.94 -13.98
N ALA A 422 -16.12 12.46 -15.00
CA ALA A 422 -16.78 12.02 -16.22
C ALA A 422 -17.80 10.93 -15.95
N ILE A 423 -18.85 10.94 -16.75
CA ILE A 423 -19.80 9.84 -16.84
C ILE A 423 -19.45 9.03 -18.09
N PRO A 424 -19.96 7.80 -18.22
CA PRO A 424 -19.48 6.93 -19.31
C PRO A 424 -19.65 7.51 -20.69
N ASP A 425 -20.68 8.31 -20.93
CA ASP A 425 -20.90 8.84 -22.28
C ASP A 425 -19.94 9.97 -22.67
N ALA A 426 -19.18 10.54 -21.73
CA ALA A 426 -18.41 11.74 -22.06
C ALA A 426 -17.15 11.75 -21.19
N GLN A 427 -16.12 11.09 -21.68
CA GLN A 427 -14.90 10.84 -20.92
C GLN A 427 -13.68 11.60 -21.41
N MET A 428 -13.59 11.95 -22.69
CA MET A 428 -12.37 12.53 -23.22
C MET A 428 -12.72 13.42 -24.39
N LEU A 429 -11.93 14.47 -24.56
CA LEU A 429 -11.99 15.35 -25.72
C LEU A 429 -10.92 14.97 -26.74
N VAL A 430 -11.27 15.10 -28.02
CA VAL A 430 -10.39 14.70 -29.11
C VAL A 430 -10.45 15.78 -30.18
N ALA A 431 -9.30 16.09 -30.77
CA ALA A 431 -9.19 17.02 -31.90
C ALA A 431 -8.64 16.28 -33.10
N GLU A 432 -9.35 16.38 -34.22
CA GLU A 432 -8.98 15.69 -35.45
C GLU A 432 -8.09 16.62 -36.27
N LYS A 433 -6.79 16.54 -36.03
CA LYS A 433 -5.83 17.40 -36.72
CA LYS A 433 -5.84 17.41 -36.72
C LYS A 433 -5.66 16.95 -38.15
N VAL A 434 -5.98 17.83 -39.10
CA VAL A 434 -5.79 17.56 -40.52
C VAL A 434 -4.88 18.66 -41.05
N SER A 435 -5.36 19.89 -41.07
CA SER A 435 -4.46 21.03 -41.16
C SER A 435 -4.34 21.63 -39.78
N ASP A 436 -3.79 22.83 -39.69
CA ASP A 436 -3.67 23.45 -38.38
C ASP A 436 -4.78 24.44 -38.07
N GLU A 437 -5.82 24.52 -38.90
CA GLU A 437 -6.99 25.31 -38.59
C GLU A 437 -8.24 24.54 -38.96
N GLY A 438 -9.39 25.01 -38.48
CA GLY A 438 -10.65 24.33 -38.80
C GLY A 438 -10.75 22.93 -38.25
N ILE A 439 -10.17 22.69 -37.08
CA ILE A 439 -10.06 21.35 -36.54
C ILE A 439 -11.35 20.96 -35.86
N LYS A 440 -11.87 19.78 -36.22
CA LYS A 440 -13.09 19.26 -35.65
C LYS A 440 -12.83 18.67 -34.27
N MET A 441 -13.72 19.03 -33.34
CA MET A 441 -13.60 18.72 -31.92
C MET A 441 -14.68 17.71 -31.54
N TYR A 442 -14.29 16.68 -30.81
CA TYR A 442 -15.18 15.59 -30.47
C TYR A 442 -15.16 15.33 -28.97
N LEU A 443 -16.32 15.01 -28.41
CA LEU A 443 -16.45 14.53 -27.05
C LEU A 443 -16.82 13.05 -27.13
N VAL A 444 -15.99 12.18 -26.57
CA VAL A 444 -16.17 10.75 -26.73
C VAL A 444 -16.36 10.07 -25.38
N GLY A 445 -17.08 8.95 -25.42
CA GLY A 445 -17.27 8.10 -24.26
C GLY A 445 -16.82 6.67 -24.45
N GLU A 446 -17.57 5.73 -23.85
CA GLU A 446 -17.16 4.34 -23.90
C GLU A 446 -17.18 3.79 -25.31
N GLU A 447 -18.10 4.29 -26.13
CA GLU A 447 -18.38 3.68 -27.43
C GLU A 447 -18.09 4.61 -28.60
N GLY A 448 -18.29 5.91 -28.42
CA GLY A 448 -18.09 6.83 -29.52
C GLY A 448 -18.44 8.24 -29.12
N ALA A 449 -18.69 9.05 -30.14
CA ALA A 449 -18.84 10.48 -29.96
C ALA A 449 -20.24 10.84 -29.51
N VAL A 450 -20.31 11.92 -28.72
CA VAL A 450 -21.57 12.56 -28.38
C VAL A 450 -21.93 13.48 -29.55
N THR A 451 -22.97 13.12 -30.28
CA THR A 451 -23.25 13.83 -31.53
C THR A 451 -23.93 15.17 -31.28
N ARG A 452 -23.89 16.00 -32.33
CA ARG A 452 -24.54 17.30 -32.33
C ARG A 452 -25.29 17.49 -33.65
N SER A 453 -26.44 18.16 -33.58
CA SER A 453 -27.16 18.54 -34.78
C SER A 453 -26.30 19.46 -35.63
N LEU A 454 -26.19 19.16 -36.92
CA LEU A 454 -25.39 20.00 -37.80
C LEU A 454 -26.01 21.39 -37.96
N VAL A 455 -27.34 21.46 -38.04
CA VAL A 455 -28.01 22.76 -38.10
C VAL A 455 -27.67 23.59 -36.87
N ASP A 456 -27.73 22.96 -35.71
CA ASP A 456 -27.41 23.64 -34.46
C ASP A 456 -25.97 24.12 -34.45
N LEU A 457 -25.05 23.26 -34.88
CA LEU A 457 -23.64 23.62 -34.86
C LEU A 457 -23.39 24.80 -35.78
N LYS A 458 -23.92 24.76 -36.99
CA LYS A 458 -23.70 25.85 -37.94
C LYS A 458 -24.25 27.17 -37.40
N THR A 459 -25.42 27.13 -36.78
CA THR A 459 -25.97 28.35 -36.18
C THR A 459 -25.03 28.89 -35.10
N ALA A 460 -24.41 28.00 -34.35
CA ALA A 460 -23.62 28.42 -33.19
C ALA A 460 -22.20 28.83 -33.55
N MET A 461 -21.66 28.37 -34.67
CA MET A 461 -20.22 28.55 -34.88
C MET A 461 -19.91 30.02 -35.15
N PRO A 462 -19.02 30.67 -34.35
CA PRO A 462 -18.80 32.11 -34.44
C PRO A 462 -17.98 32.52 -35.66
N ARG B 24 15.59 -35.99 45.17
CA ARG B 24 14.47 -35.07 45.27
C ARG B 24 14.00 -34.66 43.88
N GLN B 25 12.69 -34.73 43.65
CA GLN B 25 12.08 -34.27 42.40
C GLN B 25 11.67 -32.81 42.54
N VAL B 26 11.90 -32.04 41.48
CA VAL B 26 11.41 -30.67 41.41
C VAL B 26 10.47 -30.57 40.22
N GLY B 27 9.63 -29.55 40.23
CA GLY B 27 8.62 -29.42 39.19
C GLY B 27 9.13 -28.91 37.86
N TYR B 28 10.33 -28.31 37.83
CA TYR B 28 10.87 -27.69 36.64
C TYR B 28 11.96 -28.56 36.04
N PHE B 29 12.12 -28.47 34.71
CA PHE B 29 13.08 -29.28 33.97
C PHE B 29 14.31 -28.49 33.52
N ALA B 30 14.29 -27.17 33.67
CA ALA B 30 15.42 -26.32 33.39
C ALA B 30 15.22 -25.05 34.19
N ASP B 31 16.33 -24.34 34.43
CA ASP B 31 16.25 -23.13 35.23
C ASP B 31 17.04 -21.97 34.64
N ASN B 32 17.14 -21.91 33.30
CA ASN B 32 17.95 -20.88 32.64
C ASN B 32 17.18 -20.06 31.61
N GLY B 33 15.86 -20.03 31.67
CA GLY B 33 15.12 -19.17 30.76
C GLY B 33 15.47 -17.70 30.98
N VAL B 34 15.28 -16.91 29.92
CA VAL B 34 15.48 -15.46 30.00
C VAL B 34 14.29 -14.72 29.39
N GLY B 35 14.09 -13.50 29.87
CA GLY B 35 13.08 -12.64 29.25
C GLY B 35 11.68 -13.23 29.39
N ASN B 36 10.95 -13.30 28.27
CA ASN B 36 9.76 -14.12 28.16
C ASN B 36 10.17 -15.39 27.44
N PRO B 37 10.32 -16.53 28.12
CA PRO B 37 10.90 -17.70 27.44
C PRO B 37 9.96 -18.42 26.50
N LEU B 38 8.67 -18.13 26.57
CA LEU B 38 7.61 -18.80 25.83
C LEU B 38 6.55 -17.77 25.48
N ALA B 39 5.74 -18.07 24.46
CA ALA B 39 4.57 -17.28 24.14
C ALA B 39 3.66 -18.12 23.25
N ILE B 40 2.37 -17.80 23.26
CA ILE B 40 1.43 -18.57 22.45
C ILE B 40 1.69 -18.42 20.96
N VAL B 41 2.21 -17.26 20.53
CA VAL B 41 2.39 -17.02 19.09
C VAL B 41 3.49 -17.88 18.50
N GLN B 42 4.59 -18.15 19.22
CA GLN B 42 5.66 -19.01 18.71
C GLN B 42 5.28 -20.45 19.01
N HIS B 43 4.63 -21.08 18.03
CA HIS B 43 4.04 -22.38 18.28
C HIS B 43 4.22 -23.27 17.05
N PRO B 44 4.35 -24.59 17.25
CA PRO B 44 4.46 -25.21 18.57
C PRO B 44 5.77 -24.92 19.28
N ALA B 45 5.68 -24.77 20.60
CA ALA B 45 6.88 -24.76 21.42
C ALA B 45 7.29 -26.16 21.82
N GLY B 46 6.35 -27.10 21.81
CA GLY B 46 6.67 -28.49 22.09
C GLY B 46 5.75 -29.40 21.31
N ILE B 47 6.21 -30.64 21.13
CA ILE B 47 5.55 -31.64 20.30
C ILE B 47 5.71 -32.99 20.98
N HIS B 48 4.62 -33.76 21.04
CA HIS B 48 4.67 -35.14 21.50
C HIS B 48 4.71 -36.09 20.31
N LYS B 49 5.62 -37.06 20.34
CA LYS B 49 5.65 -38.10 19.30
C LYS B 49 6.19 -39.39 19.90
N ASN B 50 5.45 -40.49 19.72
CA ASN B 50 5.94 -41.83 20.04
C ASN B 50 6.44 -41.92 21.48
N GLY B 51 5.70 -41.32 22.40
CA GLY B 51 6.01 -41.44 23.80
C GLY B 51 7.04 -40.45 24.32
N ILE B 52 7.53 -39.54 23.48
CA ILE B 52 8.52 -38.53 23.86
C ILE B 52 7.87 -37.17 23.66
N THR B 53 7.98 -36.30 24.68
CA THR B 53 7.56 -34.91 24.54
C THR B 53 8.81 -34.05 24.42
N TYR B 54 8.95 -33.38 23.27
CA TYR B 54 10.04 -32.46 22.99
C TYR B 54 9.58 -31.06 23.34
N VAL B 55 10.46 -30.28 23.98
CA VAL B 55 10.09 -28.96 24.47
C VAL B 55 11.20 -27.98 24.12
N SER B 56 10.82 -26.74 23.84
CA SER B 56 11.77 -25.72 23.49
C SER B 56 11.37 -24.39 24.11
N TYR B 57 12.39 -23.59 24.42
CA TYR B 57 12.21 -22.29 25.09
C TYR B 57 13.44 -21.45 24.84
N GLN B 58 13.33 -20.17 25.21
CA GLN B 58 14.42 -19.21 25.06
C GLN B 58 15.27 -19.18 26.32
N GLY B 59 16.56 -19.46 26.14
CA GLY B 59 17.52 -19.52 27.22
C GLY B 59 18.54 -18.42 27.15
N PRO B 60 19.69 -18.60 27.81
CA PRO B 60 20.70 -17.55 27.86
C PRO B 60 21.05 -16.99 26.49
N LYS B 61 21.29 -15.69 26.45
CA LYS B 61 21.59 -14.94 25.24
C LYS B 61 20.48 -15.11 24.19
N GLU B 62 19.27 -15.41 24.64
CA GLU B 62 18.12 -15.61 23.77
C GLU B 62 18.31 -16.76 22.79
N ASP B 63 19.26 -17.65 23.06
CA ASP B 63 19.43 -18.81 22.21
C ASP B 63 18.35 -19.84 22.48
N PRO B 64 18.00 -20.63 21.47
CA PRO B 64 16.97 -21.65 21.65
C PRO B 64 17.54 -22.88 22.33
N TYR B 65 16.80 -23.37 23.32
CA TYR B 65 17.17 -24.57 24.06
C TYR B 65 16.07 -25.59 23.92
N ILE B 66 16.44 -26.87 23.83
CA ILE B 66 15.49 -27.95 23.60
C ILE B 66 15.80 -29.09 24.57
N ALA B 67 14.75 -29.68 25.11
CA ALA B 67 14.85 -30.83 25.99
C ALA B 67 13.80 -31.84 25.57
N SER B 68 13.87 -33.05 26.13
CA SER B 68 12.86 -34.04 25.87
C SER B 68 12.57 -34.84 27.13
N TYR B 69 11.34 -35.34 27.22
CA TYR B 69 10.89 -36.20 28.30
C TYR B 69 10.38 -37.51 27.72
N ASN B 70 10.91 -38.61 28.21
CA ASN B 70 10.51 -39.94 27.79
C ASN B 70 9.49 -40.44 28.82
N HIS B 71 8.24 -40.56 28.39
CA HIS B 71 7.16 -40.89 29.31
C HIS B 71 7.24 -42.32 29.82
N GLN B 72 7.82 -43.24 29.04
CA GLN B 72 7.92 -44.62 29.48
C GLN B 72 9.01 -44.81 30.53
N THR B 73 10.17 -44.18 30.32
CA THR B 73 11.30 -44.37 31.23
C THR B 73 11.37 -43.31 32.32
N GLY B 74 10.66 -42.21 32.17
CA GLY B 74 10.73 -41.12 33.12
C GLY B 74 11.97 -40.26 33.02
N GLN B 75 12.73 -40.39 31.93
CA GLN B 75 14.03 -39.73 31.80
C GLN B 75 13.89 -38.44 31.00
N TRP B 76 14.48 -37.37 31.52
CA TRP B 76 14.70 -36.14 30.77
C TRP B 76 16.05 -36.20 30.07
N GLN B 77 16.09 -35.59 28.89
CA GLN B 77 17.33 -35.32 28.17
C GLN B 77 17.42 -33.82 27.90
N GLY B 78 18.63 -33.28 27.98
CA GLY B 78 18.84 -31.89 27.73
C GLY B 78 18.59 -31.04 28.97
N PRO B 79 18.48 -29.72 28.80
CA PRO B 79 18.38 -29.02 27.52
C PRO B 79 19.71 -28.86 26.81
N PHE B 80 19.60 -28.74 25.48
CA PHE B 80 20.72 -28.47 24.60
C PHE B 80 20.45 -27.20 23.81
N ARG B 81 21.49 -26.44 23.54
CA ARG B 81 21.36 -25.27 22.70
C ARG B 81 21.28 -25.68 21.22
N ALA B 82 20.27 -25.17 20.51
CA ALA B 82 20.03 -25.55 19.12
C ALA B 82 20.55 -24.53 18.11
N GLY B 83 20.96 -23.35 18.52
CA GLY B 83 21.47 -22.35 17.60
C GLY B 83 21.89 -21.11 18.35
N ILE B 84 22.36 -20.13 17.57
CA ILE B 84 22.94 -18.90 18.10
C ILE B 84 22.13 -17.72 17.56
N SER B 85 21.45 -17.02 18.47
CA SER B 85 20.61 -15.90 18.08
C SER B 85 21.36 -14.58 18.09
N GLU B 86 21.18 -13.80 17.03
CA GLU B 86 21.70 -12.43 17.01
C GLU B 86 21.04 -11.56 18.06
N LEU B 87 19.83 -11.90 18.51
CA LEU B 87 19.12 -11.03 19.43
C LEU B 87 19.77 -10.98 20.80
N GLY B 88 20.55 -11.98 21.17
CA GLY B 88 21.21 -11.95 22.46
C GLY B 88 22.57 -11.31 22.44
N ARG B 89 22.98 -10.76 21.31
CA ARG B 89 24.33 -10.25 21.12
C ARG B 89 24.30 -8.84 20.55
N ARG B 90 23.22 -8.11 20.84
CA ARG B 90 23.06 -6.74 20.39
C ARG B 90 23.87 -5.79 21.27
N ASP B 91 24.17 -4.62 20.69
CA ASP B 91 24.87 -3.55 21.37
C ASP B 91 23.81 -2.63 21.97
N GLY B 92 23.56 -2.76 23.26
CA GLY B 92 22.58 -1.92 23.90
C GLY B 92 21.14 -2.25 23.50
N GLY B 93 20.28 -1.24 23.62
CA GLY B 93 18.87 -1.44 23.39
C GLY B 93 18.23 -2.20 24.55
N LYS B 94 17.01 -2.68 24.30
CA LYS B 94 16.29 -3.42 25.34
C LYS B 94 17.11 -4.64 25.74
N LYS B 95 17.10 -4.94 27.05
CA LYS B 95 17.94 -6.02 27.55
C LYS B 95 17.63 -7.35 26.85
N PHE B 96 16.36 -7.74 26.82
CA PHE B 96 15.93 -8.94 26.12
C PHE B 96 14.85 -8.60 25.10
N ASP B 97 15.02 -9.13 23.89
CA ASP B 97 14.12 -8.85 22.78
C ASP B 97 12.91 -9.78 22.78
N ASN B 98 13.15 -11.08 22.91
CA ASN B 98 12.16 -12.14 23.07
C ASN B 98 11.45 -12.59 21.78
N HIS B 99 11.60 -11.87 20.66
CA HIS B 99 10.80 -12.19 19.49
C HIS B 99 11.33 -13.39 18.72
N GLY B 100 12.51 -13.88 19.07
CA GLY B 100 13.10 -15.02 18.40
C GLY B 100 13.09 -16.31 19.21
N LYS B 101 12.29 -16.38 20.29
CA LYS B 101 12.13 -17.62 21.03
C LYS B 101 11.71 -18.71 20.04
N PRO B 102 12.00 -19.98 20.33
CA PRO B 102 11.91 -21.01 19.29
C PRO B 102 10.52 -21.55 19.01
N THR B 103 10.39 -22.01 17.77
CA THR B 103 9.25 -22.76 17.26
C THR B 103 9.76 -24.07 16.68
N MET B 104 9.06 -25.18 16.97
CA MET B 104 9.53 -26.51 16.67
C MET B 104 8.66 -27.22 15.63
N LEU B 105 9.28 -28.12 14.86
CA LEU B 105 8.58 -29.01 13.94
C LEU B 105 9.39 -30.28 13.76
N ILE B 106 8.72 -31.43 13.76
CA ILE B 106 9.36 -32.71 13.45
C ILE B 106 8.94 -33.13 12.06
N ASP B 107 9.91 -33.30 11.16
CA ASP B 107 9.58 -33.67 9.78
C ASP B 107 9.36 -35.18 9.65
N ASP B 108 8.92 -35.57 8.44
CA ASP B 108 8.56 -36.96 8.18
C ASP B 108 9.74 -37.92 8.17
N GLU B 109 10.97 -37.41 8.22
CA GLU B 109 12.13 -38.26 8.41
C GLU B 109 12.64 -38.24 9.83
N GLY B 110 11.94 -37.55 10.72
CA GLY B 110 12.28 -37.51 12.11
C GLY B 110 13.26 -36.44 12.50
N TYR B 111 13.70 -35.61 11.57
CA TYR B 111 14.57 -34.51 11.98
C TYR B 111 13.75 -33.46 12.71
N ILE B 112 14.35 -32.89 13.75
CA ILE B 112 13.72 -31.84 14.53
C ILE B 112 14.21 -30.50 14.01
N HIS B 113 13.27 -29.63 13.67
CA HIS B 113 13.54 -28.30 13.15
C HIS B 113 13.20 -27.26 14.21
N ILE B 114 14.08 -26.27 14.35
CA ILE B 114 13.88 -25.15 15.26
C ILE B 114 14.01 -23.87 14.45
N PHE B 115 12.95 -23.06 14.45
CA PHE B 115 12.95 -21.74 13.83
C PHE B 115 13.06 -20.72 14.95
N TYR B 116 13.94 -19.75 14.81
CA TYR B 116 14.26 -18.91 15.95
C TYR B 116 15.02 -17.66 15.50
N GLY B 117 15.20 -16.74 16.43
CA GLY B 117 16.21 -15.71 16.30
C GLY B 117 15.78 -14.42 15.62
N GLY B 118 14.63 -14.39 14.95
CA GLY B 118 14.30 -13.25 14.11
C GLY B 118 13.49 -12.17 14.82
N HIS B 119 13.87 -10.91 14.58
CA HIS B 119 12.97 -9.78 14.84
C HIS B 119 12.96 -8.85 13.63
N GLY B 120 12.86 -9.46 12.45
CA GLY B 120 12.64 -8.72 11.22
C GLY B 120 13.86 -8.48 10.37
N GLY B 121 15.00 -9.05 10.73
CA GLY B 121 16.21 -8.82 9.98
C GLY B 121 16.72 -7.39 10.07
N GLN B 122 17.75 -7.11 9.28
CA GLN B 122 18.36 -5.79 9.25
C GLN B 122 18.97 -5.53 7.87
N ALA B 123 19.50 -4.33 7.68
CA ALA B 123 19.97 -3.93 6.36
C ALA B 123 21.08 -4.84 5.83
N SER B 124 21.89 -5.42 6.73
CA SER B 124 22.97 -6.29 6.27
C SER B 124 22.46 -7.51 5.54
N ASN B 125 21.19 -7.88 5.72
CA ASN B 125 20.65 -9.09 5.12
C ASN B 125 20.15 -8.87 3.69
N GLY B 126 19.91 -7.64 3.29
CA GLY B 126 19.37 -7.33 1.99
C GLY B 126 18.33 -6.24 2.08
N LYS B 127 17.68 -5.97 0.96
CA LYS B 127 16.49 -5.12 0.92
C LYS B 127 15.28 -6.03 1.09
N ASN B 128 14.48 -5.78 2.12
CA ASN B 128 13.33 -6.64 2.40
C ASN B 128 12.24 -6.37 1.38
N PRO B 129 11.87 -7.34 0.53
CA PRO B 129 10.92 -7.04 -0.54
C PRO B 129 9.47 -6.93 -0.09
N LEU B 130 9.16 -7.28 1.15
CA LEU B 130 7.78 -7.35 1.60
C LEU B 130 7.55 -6.65 2.93
N GLY B 131 8.49 -5.82 3.37
CA GLY B 131 8.28 -5.11 4.61
C GLY B 131 9.50 -4.31 5.01
N ASN B 132 9.48 -3.86 6.25
CA ASN B 132 10.59 -3.16 6.84
C ASN B 132 11.39 -4.10 7.75
N THR B 133 12.42 -3.55 8.38
CA THR B 133 13.33 -4.35 9.19
C THR B 133 13.45 -3.79 10.59
N HIS B 134 14.12 -4.54 11.46
CA HIS B 134 14.45 -4.05 12.79
C HIS B 134 15.82 -4.60 13.17
N HIS B 135 15.87 -5.78 13.81
CA HIS B 135 17.15 -6.43 14.00
C HIS B 135 16.96 -7.93 14.20
N GLY B 136 17.99 -8.68 13.88
CA GLY B 136 18.00 -10.11 14.14
C GLY B 136 17.45 -10.89 12.98
N ALA B 137 18.32 -11.64 12.31
CA ALA B 137 17.91 -12.47 11.19
C ALA B 137 17.19 -13.71 11.68
N ASN B 138 16.08 -14.01 11.04
CA ASN B 138 15.33 -15.22 11.36
C ASN B 138 16.11 -16.42 10.83
N LYS B 139 16.17 -17.46 11.66
CA LYS B 139 17.07 -18.59 11.46
C LYS B 139 16.32 -19.91 11.56
N HIS B 140 16.99 -20.96 11.06
CA HIS B 140 16.40 -22.29 10.97
C HIS B 140 17.51 -23.28 11.28
N ALA B 141 17.40 -24.00 12.39
CA ALA B 141 18.31 -25.06 12.73
C ALA B 141 17.60 -26.40 12.59
N VAL B 142 18.39 -27.44 12.35
CA VAL B 142 17.85 -28.79 12.22
C VAL B 142 18.76 -29.75 12.97
N SER B 143 18.17 -30.74 13.59
CA SER B 143 18.98 -31.75 14.26
C SER B 143 19.86 -32.48 13.25
N LYS B 144 21.08 -32.82 13.67
CA LYS B 144 22.00 -33.54 12.80
C LYS B 144 21.47 -34.93 12.47
N ARG B 145 20.74 -35.54 13.40
CA ARG B 145 20.23 -36.88 13.25
C ARG B 145 18.75 -36.91 13.63
N PRO B 146 17.98 -37.84 13.08
CA PRO B 146 16.57 -37.93 13.46
C PRO B 146 16.42 -38.25 14.95
N TYR B 147 15.43 -37.60 15.56
CA TYR B 147 15.01 -37.89 16.94
C TYR B 147 16.14 -37.71 17.96
N ASP B 148 17.15 -36.90 17.65
CA ASP B 148 18.34 -36.74 18.49
C ASP B 148 18.50 -35.24 18.72
N ILE B 149 18.27 -34.79 19.95
CA ILE B 149 18.25 -33.35 20.22
C ILE B 149 19.60 -32.83 20.67
N SER B 150 20.66 -33.65 20.59
CA SER B 150 21.93 -33.27 21.18
C SER B 150 22.83 -32.45 20.24
N GLN B 151 22.61 -32.49 18.94
CA GLN B 151 23.51 -31.82 18.00
C GLN B 151 22.73 -31.23 16.85
N TRP B 152 23.14 -30.04 16.40
CA TRP B 152 22.36 -29.19 15.51
C TRP B 152 23.24 -28.63 14.41
N GLU B 153 22.60 -28.31 13.29
CA GLU B 153 23.25 -27.57 12.22
C GLU B 153 22.31 -26.48 11.71
N ASP B 154 22.91 -25.42 11.20
CA ASP B 154 22.17 -24.31 10.67
C ASP B 154 21.83 -24.58 9.22
N LEU B 155 20.57 -24.30 8.84
CA LEU B 155 20.18 -24.27 7.43
C LEU B 155 19.96 -22.86 6.93
N ASN B 156 19.27 -22.04 7.69
CA ASN B 156 19.07 -20.64 7.34
C ASN B 156 18.75 -20.54 5.85
N ASN B 157 17.73 -21.29 5.46
CA ASN B 157 17.22 -21.39 4.09
C ASN B 157 15.82 -20.76 3.99
N ILE B 158 15.49 -19.92 4.94
CA ILE B 158 14.26 -19.14 4.96
C ILE B 158 14.69 -17.67 4.91
N THR B 159 13.75 -16.79 4.59
CA THR B 159 14.15 -15.39 4.51
C THR B 159 14.62 -14.93 5.89
N PRO B 160 15.66 -14.11 5.97
CA PRO B 160 16.06 -13.55 7.25
C PRO B 160 15.08 -12.54 7.80
N PHE B 161 14.21 -11.99 6.94
CA PHE B 161 13.24 -10.97 7.35
C PHE B 161 12.00 -11.66 7.87
N GLY B 162 12.05 -12.01 9.14
CA GLY B 162 11.00 -12.79 9.77
C GLY B 162 10.87 -12.50 11.25
N THR B 163 9.63 -12.47 11.70
CA THR B 163 9.24 -12.46 13.12
C THR B 163 8.03 -13.37 13.25
N TYR B 164 7.91 -14.04 14.41
CA TYR B 164 6.67 -14.75 14.80
C TYR B 164 6.46 -16.07 14.03
N ASN B 165 7.43 -16.96 14.13
CA ASN B 165 7.41 -18.23 13.41
C ASN B 165 6.34 -19.17 13.94
N GLN B 166 5.59 -19.75 13.01
CA GLN B 166 4.51 -20.69 13.31
C GLN B 166 4.63 -21.79 12.27
N ALA B 167 4.88 -23.01 12.73
CA ALA B 167 5.24 -24.09 11.82
C ALA B 167 4.16 -25.16 11.83
N ILE B 168 3.71 -25.55 10.62
CA ILE B 168 2.65 -26.52 10.46
C ILE B 168 3.11 -27.58 9.48
N LYS B 169 2.87 -28.85 9.80
CA LYS B 169 3.12 -29.95 8.88
C LYS B 169 1.79 -30.60 8.52
N MET B 170 1.56 -30.79 7.23
CA MET B 170 0.33 -31.40 6.78
C MET B 170 0.48 -32.92 6.74
N ASP B 171 -0.65 -33.61 6.49
CA ASP B 171 -0.63 -35.07 6.48
C ASP B 171 0.34 -35.63 5.45
N ASN B 172 0.53 -34.94 4.33
CA ASN B 172 1.43 -35.44 3.27
C ASN B 172 2.89 -35.07 3.54
N GLY B 173 3.18 -34.46 4.68
CA GLY B 173 4.54 -34.11 5.02
C GLY B 173 4.95 -32.71 4.63
N ASP B 174 4.15 -32.01 3.83
CA ASP B 174 4.47 -30.63 3.47
C ASP B 174 4.55 -29.74 4.70
N ILE B 175 5.50 -28.81 4.68
CA ILE B 175 5.77 -27.93 5.80
C ILE B 175 5.46 -26.51 5.39
N TYR B 176 4.71 -25.82 6.23
CA TYR B 176 4.41 -24.41 6.06
C TYR B 176 4.94 -23.64 7.25
N LEU B 177 5.76 -22.64 6.99
CA LEU B 177 6.23 -21.73 8.00
C LEU B 177 5.54 -20.39 7.78
N PHE B 178 4.73 -19.98 8.74
CA PHE B 178 4.02 -18.70 8.71
C PHE B 178 4.77 -17.71 9.58
N PHE B 179 4.86 -16.47 9.14
CA PHE B 179 5.58 -15.45 9.87
C PHE B 179 5.27 -14.08 9.27
N ARG B 180 5.65 -13.04 10.01
CA ARG B 180 5.65 -11.68 9.50
C ARG B 180 6.96 -11.42 8.77
N HIS B 181 6.88 -11.00 7.52
CA HIS B 181 8.04 -10.85 6.65
C HIS B 181 8.77 -9.53 6.90
N GLY B 182 9.19 -9.34 8.16
CA GLY B 182 9.86 -8.12 8.56
C GLY B 182 9.39 -7.65 9.93
N ALA B 183 9.56 -6.34 10.14
CA ALA B 183 9.02 -5.65 11.32
C ALA B 183 7.57 -5.23 11.10
N HIS B 184 7.08 -4.18 11.79
CA HIS B 184 5.63 -3.91 11.79
C HIS B 184 5.08 -3.73 10.41
N ARG B 185 5.80 -3.02 9.54
CA ARG B 185 5.24 -2.55 8.30
C ARG B 185 5.61 -3.54 7.20
N SER B 186 5.05 -4.74 7.39
CA SER B 186 5.39 -5.90 6.58
C SER B 186 4.17 -6.76 6.34
N ASP B 187 4.19 -7.47 5.22
CA ASP B 187 3.18 -8.49 4.98
C ASP B 187 3.40 -9.69 5.89
N TRP B 188 2.33 -10.43 6.13
CA TRP B 188 2.42 -11.78 6.68
C TRP B 188 2.38 -12.77 5.54
N VAL B 189 3.20 -13.81 5.66
CA VAL B 189 3.50 -14.72 4.57
C VAL B 189 3.57 -16.14 5.10
N TYR B 190 3.58 -17.09 4.18
CA TYR B 190 4.14 -18.41 4.48
C TYR B 190 5.21 -18.76 3.46
N GLN B 191 6.13 -19.63 3.89
CA GLN B 191 7.01 -20.36 2.99
C GLN B 191 6.72 -21.84 3.12
N LYS B 192 6.65 -22.51 1.96
CA LYS B 192 6.27 -23.91 1.86
C LYS B 192 7.48 -24.76 1.45
N SER B 193 7.64 -25.90 2.12
CA SER B 193 8.64 -26.88 1.74
C SER B 193 7.98 -28.23 1.53
N VAL B 194 8.36 -28.89 0.44
CA VAL B 194 7.91 -30.25 0.12
C VAL B 194 9.00 -31.29 0.31
N ASP B 195 10.18 -30.90 0.81
CA ASP B 195 11.32 -31.80 0.96
C ASP B 195 11.83 -31.81 2.39
N ASN B 196 10.90 -31.81 3.33
CA ASN B 196 11.23 -31.93 4.75
C ASN B 196 12.00 -30.74 5.28
N GLY B 197 11.72 -29.56 4.75
CA GLY B 197 12.33 -28.34 5.24
C GLY B 197 13.73 -28.09 4.77
N ARG B 198 14.20 -28.84 3.77
CA ARG B 198 15.54 -28.64 3.25
C ARG B 198 15.59 -27.49 2.25
N THR B 199 14.49 -27.26 1.51
CA THR B 199 14.36 -26.07 0.69
C THR B 199 12.95 -25.53 0.82
N PHE B 200 12.84 -24.21 0.77
CA PHE B 200 11.56 -23.51 0.83
C PHE B 200 11.34 -22.70 -0.43
N ALA B 201 10.08 -22.68 -0.87
CA ALA B 201 9.67 -21.81 -1.96
C ALA B 201 9.58 -20.38 -1.46
N SER B 202 9.47 -19.45 -2.40
CA SER B 202 9.45 -18.04 -2.05
CA SER B 202 9.44 -18.04 -2.07
C SER B 202 8.21 -17.72 -1.23
N PRO B 203 8.27 -16.71 -0.37
CA PRO B 203 7.11 -16.37 0.45
C PRO B 203 5.88 -16.02 -0.36
N VAL B 204 4.72 -16.41 0.18
CA VAL B 204 3.40 -16.10 -0.37
C VAL B 204 2.72 -15.20 0.67
N SER B 205 2.36 -13.99 0.24
CA SER B 205 1.74 -13.02 1.14
CA SER B 205 1.74 -13.03 1.15
C SER B 205 0.25 -13.30 1.27
N PHE B 206 -0.22 -13.37 2.52
CA PHE B 206 -1.65 -13.52 2.76
C PHE B 206 -2.30 -12.34 3.48
N LEU B 207 -1.52 -11.46 4.12
CA LEU B 207 -2.03 -10.22 4.67
C LEU B 207 -1.12 -9.09 4.22
N LYS B 208 -1.70 -8.04 3.68
CA LYS B 208 -0.93 -6.94 3.09
C LYS B 208 -0.80 -5.77 4.05
N HIS B 209 0.42 -5.30 4.23
CA HIS B 209 0.66 -3.99 4.82
C HIS B 209 0.64 -2.92 3.73
N LYS B 210 0.14 -1.74 4.08
CA LYS B 210 0.18 -0.61 3.16
C LYS B 210 -0.16 0.67 3.90
N ARG B 211 0.35 1.78 3.38
CA ARG B 211 -0.01 3.07 3.93
C ARG B 211 -1.49 3.34 3.70
N ARG B 212 -2.13 3.89 4.73
CA ARG B 212 -3.51 4.33 4.62
C ARG B 212 -3.59 5.69 3.96
N THR B 213 -4.73 5.95 3.31
CA THR B 213 -4.98 7.23 2.67
C THR B 213 -5.80 8.17 3.54
N ASP B 214 -6.41 7.66 4.60
CA ASP B 214 -7.27 8.47 5.47
C ASP B 214 -6.55 9.01 6.70
N ILE B 215 -5.52 8.32 7.18
CA ILE B 215 -4.76 8.75 8.34
C ILE B 215 -3.29 8.47 8.07
N ASP B 216 -2.43 9.11 8.85
CA ASP B 216 -0.99 8.93 8.72
C ASP B 216 -0.55 7.68 9.48
N ALA B 217 -0.91 6.53 8.91
CA ALA B 217 -0.59 5.25 9.53
C ALA B 217 -0.57 4.19 8.45
N VAL B 218 -0.09 3.01 8.83
CA VAL B 218 0.11 1.88 7.95
C VAL B 218 -0.70 0.71 8.47
N ASP B 219 -1.37 0.01 7.56
CA ASP B 219 -2.06 -1.21 7.91
C ASP B 219 -1.02 -2.24 8.32
N SER B 220 -1.22 -2.85 9.49
CA SER B 220 -0.29 -3.84 10.02
C SER B 220 -1.10 -4.89 10.75
N TRP B 221 -0.51 -6.07 10.98
CA TRP B 221 -1.30 -7.23 11.40
C TRP B 221 -0.53 -8.08 12.39
N TYR B 222 -1.30 -8.89 13.13
CA TYR B 222 -0.75 -9.97 13.93
C TYR B 222 -1.62 -11.20 13.73
N ALA B 223 -1.03 -12.29 13.28
CA ALA B 223 -1.77 -13.50 12.94
C ALA B 223 -1.33 -14.71 13.75
N TRP B 224 -2.26 -15.65 13.91
CA TRP B 224 -1.97 -16.96 14.50
C TRP B 224 -2.54 -18.00 13.54
N ALA B 225 -1.66 -18.83 13.00
CA ALA B 225 -2.02 -19.87 12.07
C ALA B 225 -1.89 -21.24 12.73
N GLY B 226 -2.89 -22.09 12.54
CA GLY B 226 -2.86 -23.44 13.07
C GLY B 226 -3.61 -24.42 12.20
N LYS B 227 -3.52 -25.69 12.56
CA LYS B 227 -4.23 -26.71 11.79
C LYS B 227 -5.73 -26.50 11.89
N GLY B 228 -6.39 -26.70 10.76
CA GLY B 228 -7.82 -26.85 10.67
C GLY B 228 -8.19 -28.32 10.67
N GLN B 229 -9.16 -28.67 9.83
CA GLN B 229 -9.51 -30.05 9.57
C GLN B 229 -9.20 -30.36 8.11
N GLY B 230 -9.04 -31.65 7.81
CA GLY B 230 -8.69 -32.05 6.45
C GLY B 230 -7.35 -31.44 6.08
N ASP B 231 -7.29 -30.82 4.90
CA ASP B 231 -6.07 -30.16 4.44
C ASP B 231 -6.13 -28.65 4.61
N ASN B 232 -6.88 -28.17 5.59
CA ASN B 232 -7.01 -26.75 5.84
C ASN B 232 -6.11 -26.28 6.99
N ILE B 233 -5.67 -25.03 6.86
CA ILE B 233 -5.03 -24.26 7.92
C ILE B 233 -5.94 -23.07 8.22
N ILE B 234 -6.09 -22.77 9.49
CA ILE B 234 -6.96 -21.67 9.90
C ILE B 234 -6.10 -20.56 10.50
N VAL B 235 -6.56 -19.32 10.33
CA VAL B 235 -5.78 -18.16 10.73
C VAL B 235 -6.70 -17.15 11.40
N SER B 236 -6.37 -16.77 12.63
CA SER B 236 -7.04 -15.67 13.30
C SER B 236 -6.06 -14.52 13.41
N TYR B 237 -6.57 -13.30 13.35
CA TYR B 237 -5.65 -12.17 13.35
C TYR B 237 -6.33 -10.93 13.89
N ASP B 238 -5.53 -10.03 14.44
CA ASP B 238 -6.00 -8.70 14.79
C ASP B 238 -5.24 -7.66 13.98
N TYR B 239 -5.78 -6.44 14.00
CA TYR B 239 -5.29 -5.35 13.16
C TYR B 239 -4.53 -4.36 14.02
N HIS B 240 -3.35 -3.96 13.56
CA HIS B 240 -2.51 -2.95 14.21
C HIS B 240 -2.57 -1.65 13.42
N VAL B 241 -3.05 -0.58 14.06
CA VAL B 241 -2.96 0.77 13.52
C VAL B 241 -1.53 1.23 13.74
N CYS B 242 -0.70 1.20 12.71
CA CYS B 242 0.72 1.47 12.88
C CYS B 242 0.96 2.93 12.53
N TRP B 243 0.88 3.79 13.56
CA TRP B 243 0.90 5.23 13.35
C TRP B 243 2.30 5.71 13.01
N ASP B 244 2.37 6.67 12.09
CA ASP B 244 3.61 7.39 11.86
C ASP B 244 4.01 8.14 13.14
N GLY B 245 5.29 8.44 13.25
CA GLY B 245 5.75 9.24 14.37
C GLY B 245 5.05 10.59 14.39
N GLY B 246 4.63 11.02 15.60
CA GLY B 246 3.96 12.28 15.78
C GLY B 246 2.51 12.32 15.35
N ALA B 247 2.00 11.26 14.74
CA ALA B 247 0.62 11.24 14.26
C ALA B 247 -0.32 10.83 15.38
N GLY B 248 -1.61 10.72 15.05
CA GLY B 248 -2.60 10.28 16.00
C GLY B 248 -3.21 11.43 16.77
N VAL B 249 -3.97 11.05 17.81
CA VAL B 249 -4.62 12.04 18.66
C VAL B 249 -3.54 12.77 19.47
N ASN B 250 -3.53 14.10 19.36
CA ASN B 250 -2.63 14.96 20.16
C ASN B 250 -1.17 14.53 20.03
N GLY B 251 -0.81 13.98 18.86
CA GLY B 251 0.55 13.55 18.64
C GLY B 251 0.98 12.37 19.50
N ARG B 252 0.04 11.50 19.86
CA ARG B 252 0.43 10.34 20.66
C ARG B 252 1.49 9.51 19.95
N GLY B 253 1.48 9.49 18.63
CA GLY B 253 2.51 8.80 17.88
C GLY B 253 2.33 7.30 17.88
N HIS B 254 3.44 6.61 17.67
CA HIS B 254 3.36 5.17 17.49
C HIS B 254 3.17 4.45 18.82
N THR B 255 2.13 3.61 18.88
CA THR B 255 1.81 2.80 20.05
C THR B 255 1.59 1.37 19.59
N THR B 256 1.15 0.51 20.50
CA THR B 256 0.78 -0.87 20.17
C THR B 256 -0.70 -1.01 19.83
N GLU B 257 -1.37 0.09 19.46
CA GLU B 257 -2.81 0.04 19.21
C GLU B 257 -3.17 -1.08 18.23
N ARG B 258 -4.05 -1.98 18.66
CA ARG B 258 -4.58 -3.06 17.86
C ARG B 258 -6.06 -3.19 18.18
N HIS B 259 -6.86 -3.63 17.21
CA HIS B 259 -8.28 -3.81 17.44
C HIS B 259 -8.79 -5.00 16.64
N ASP B 260 -9.90 -5.54 17.14
CA ASP B 260 -10.78 -6.46 16.43
C ASP B 260 -10.14 -7.83 16.28
N VAL B 261 -10.89 -8.79 15.79
CA VAL B 261 -10.36 -10.08 15.45
C VAL B 261 -11.07 -10.61 14.21
N TYR B 262 -10.29 -11.28 13.37
CA TYR B 262 -10.68 -11.73 12.05
C TYR B 262 -10.33 -13.21 11.91
N PHE B 263 -10.93 -13.85 10.91
CA PHE B 263 -10.75 -15.28 10.70
C PHE B 263 -10.78 -15.61 9.22
N MET B 264 -9.86 -16.48 8.80
CA MET B 264 -9.95 -17.04 7.46
C MET B 264 -9.29 -18.41 7.42
N SER B 265 -9.51 -19.13 6.33
CA SER B 265 -9.07 -20.52 6.19
C SER B 265 -8.32 -20.66 4.86
N PHE B 266 -7.32 -21.55 4.85
CA PHE B 266 -6.42 -21.79 3.73
C PHE B 266 -6.51 -23.27 3.40
N ASN B 267 -7.03 -23.61 2.22
CA ASN B 267 -7.06 -24.99 1.75
C ASN B 267 -5.73 -25.31 1.08
N THR B 268 -4.91 -26.14 1.74
CA THR B 268 -3.56 -26.37 1.23
C THR B 268 -3.54 -27.22 -0.03
N LYS B 269 -4.64 -27.91 -0.35
CA LYS B 269 -4.69 -28.70 -1.58
C LYS B 269 -5.01 -27.84 -2.79
N THR B 270 -5.98 -26.93 -2.69
CA THR B 270 -6.33 -26.08 -3.83
C THR B 270 -5.59 -24.76 -3.82
N GLY B 271 -5.01 -24.38 -2.69
CA GLY B 271 -4.35 -23.10 -2.57
C GLY B 271 -5.28 -21.94 -2.25
N GLU B 272 -6.59 -22.18 -2.21
CA GLU B 272 -7.58 -21.14 -2.07
C GLU B 272 -7.85 -20.79 -0.60
N TRP B 273 -8.02 -19.50 -0.37
CA TRP B 273 -8.36 -18.97 0.94
C TRP B 273 -9.82 -18.54 0.94
N SER B 274 -10.46 -18.69 2.10
CA SER B 274 -11.88 -18.37 2.21
C SER B 274 -12.22 -17.85 3.60
N ASN B 275 -13.34 -17.13 3.67
CA ASN B 275 -13.86 -16.71 4.97
C ASN B 275 -14.71 -17.84 5.56
N VAL B 276 -15.28 -17.61 6.74
CA VAL B 276 -16.00 -18.66 7.45
C VAL B 276 -17.22 -19.13 6.67
N GLU B 277 -17.77 -18.28 5.81
CA GLU B 277 -18.92 -18.65 4.99
C GLU B 277 -18.50 -19.33 3.69
N GLY B 278 -17.20 -19.53 3.47
CA GLY B 278 -16.71 -20.21 2.29
C GLY B 278 -16.50 -19.33 1.09
N GLU B 279 -16.60 -18.01 1.23
CA GLU B 279 -16.37 -17.09 0.13
C GLU B 279 -14.87 -17.00 -0.13
N LYS B 280 -14.48 -17.18 -1.39
CA LYS B 280 -13.08 -17.14 -1.74
C LYS B 280 -12.54 -15.71 -1.67
N LEU B 281 -11.31 -15.60 -1.19
CA LEU B 281 -10.60 -14.34 -1.00
C LEU B 281 -9.41 -14.31 -1.96
N VAL B 282 -9.08 -13.13 -2.48
CA VAL B 282 -7.89 -12.97 -3.32
C VAL B 282 -6.74 -12.49 -2.46
N LEU B 283 -5.63 -13.12 -2.59
CA LEU B 283 -4.50 -12.74 -1.75
C LEU B 283 -3.67 -11.67 -2.43
N PRO B 284 -2.98 -10.84 -1.63
CA PRO B 284 -3.06 -10.78 -0.17
C PRO B 284 -4.26 -10.00 0.31
N VAL B 285 -4.79 -10.39 1.47
CA VAL B 285 -5.97 -9.72 2.02
C VAL B 285 -5.55 -8.35 2.54
N THR B 286 -6.30 -7.33 2.13
CA THR B 286 -6.12 -5.97 2.63
C THR B 286 -7.10 -5.71 3.78
N ARG B 287 -6.84 -4.62 4.51
CA ARG B 287 -7.72 -4.26 5.60
C ARG B 287 -9.15 -4.05 5.10
N GLU B 288 -9.31 -3.44 3.93
CA GLU B 288 -10.65 -3.18 3.40
C GLU B 288 -11.41 -4.47 3.14
N VAL B 289 -10.74 -5.45 2.55
CA VAL B 289 -11.40 -6.74 2.33
C VAL B 289 -11.66 -7.43 3.65
N ALA B 290 -10.70 -7.39 4.58
CA ALA B 290 -10.87 -8.09 5.84
C ALA B 290 -12.06 -7.50 6.61
N ASP B 291 -12.15 -6.18 6.66
CA ASP B 291 -13.27 -5.57 7.36
C ASP B 291 -14.60 -5.99 6.76
N GLU B 292 -14.64 -6.16 5.43
CA GLU B 292 -15.88 -6.52 4.76
C GLU B 292 -16.16 -8.01 4.84
N LYS B 293 -15.13 -8.87 4.86
CA LYS B 293 -15.28 -10.29 4.56
C LYS B 293 -14.82 -11.24 5.66
N THR B 294 -13.89 -10.86 6.51
CA THR B 294 -13.32 -11.82 7.45
C THR B 294 -13.44 -11.43 8.92
N MET B 295 -14.00 -10.26 9.23
CA MET B 295 -14.13 -9.88 10.63
CA MET B 295 -14.14 -9.85 10.62
C MET B 295 -14.98 -10.89 11.38
N ALA B 296 -14.49 -11.25 12.57
CA ALA B 296 -15.21 -12.14 13.47
C ALA B 296 -15.83 -11.40 14.63
N MET B 297 -15.12 -10.45 15.24
CA MET B 297 -15.71 -9.67 16.31
CA MET B 297 -15.73 -9.65 16.29
C MET B 297 -15.02 -8.32 16.39
N ARG B 298 -15.81 -7.25 16.48
CA ARG B 298 -15.24 -5.93 16.73
C ARG B 298 -15.06 -5.75 18.23
N THR B 299 -13.98 -5.08 18.61
CA THR B 299 -13.72 -4.81 20.02
C THR B 299 -13.91 -3.36 20.40
N GLY B 300 -14.51 -2.55 19.52
CA GLY B 300 -14.78 -1.16 19.87
C GLY B 300 -13.49 -0.43 20.19
N GLU B 301 -13.50 0.30 21.31
CA GLU B 301 -12.33 1.05 21.73
C GLU B 301 -11.30 0.18 22.45
N LEU B 302 -11.61 -1.08 22.70
CA LEU B 302 -10.67 -1.94 23.39
C LEU B 302 -9.49 -2.26 22.48
N TRP B 303 -8.30 -2.27 23.08
CA TRP B 303 -7.09 -2.69 22.40
C TRP B 303 -6.89 -4.19 22.58
N THR B 304 -6.41 -4.82 21.52
CA THR B 304 -6.31 -6.27 21.46
C THR B 304 -4.88 -6.77 21.51
N PHE B 305 -4.79 -8.06 21.85
CA PHE B 305 -3.55 -8.83 21.73
C PHE B 305 -3.99 -10.23 21.32
N ASN B 306 -3.48 -10.70 20.20
CA ASN B 306 -4.07 -11.88 19.59
C ASN B 306 -3.83 -13.14 20.43
N GLY B 307 -4.73 -14.10 20.25
CA GLY B 307 -4.68 -15.39 20.89
C GLY B 307 -4.47 -16.49 19.89
N SER B 308 -5.44 -17.38 19.76
CA SER B 308 -5.32 -18.58 18.92
C SER B 308 -6.72 -18.97 18.47
N THR B 309 -6.79 -19.96 17.57
CA THR B 309 -8.07 -20.40 17.01
C THR B 309 -8.04 -21.91 16.79
N HIS B 310 -9.19 -22.55 16.99
CA HIS B 310 -9.35 -23.99 16.87
C HIS B 310 -10.77 -24.29 16.38
N LEU B 311 -10.94 -25.36 15.61
CA LEU B 311 -12.26 -25.79 15.16
C LEU B 311 -12.89 -26.78 16.11
N ASP B 312 -14.21 -26.68 16.27
CA ASP B 312 -14.99 -27.65 17.05
C ASP B 312 -15.39 -28.85 16.19
N ALA B 313 -16.13 -29.79 16.82
CA ALA B 313 -16.48 -31.05 16.18
C ALA B 313 -17.52 -30.88 15.08
N GLN B 314 -18.11 -29.69 14.99
CA GLN B 314 -19.02 -29.37 13.90
C GLN B 314 -18.34 -28.50 12.85
N GLY B 315 -17.00 -28.45 12.88
CA GLY B 315 -16.22 -27.71 11.92
C GLY B 315 -16.30 -26.21 12.03
N GLN B 316 -16.75 -25.69 13.16
CA GLN B 316 -16.92 -24.26 13.36
C GLN B 316 -15.74 -23.68 14.11
N PRO B 317 -15.25 -22.50 13.71
CA PRO B 317 -14.12 -21.89 14.43
C PRO B 317 -14.49 -21.23 15.73
N HIS B 318 -13.59 -21.40 16.69
CA HIS B 318 -13.57 -20.69 17.96
C HIS B 318 -12.27 -19.89 18.00
N ILE B 319 -12.33 -18.72 18.66
CA ILE B 319 -11.22 -17.77 18.68
C ILE B 319 -11.01 -17.28 20.12
N ALA B 320 -9.76 -17.30 20.57
CA ALA B 320 -9.34 -16.62 21.79
C ALA B 320 -8.74 -15.28 21.39
N ILE B 321 -9.26 -14.20 21.94
CA ILE B 321 -8.75 -12.86 21.66
C ILE B 321 -8.59 -12.13 22.98
N ASN B 322 -7.43 -11.53 23.19
CA ASN B 322 -7.26 -10.73 24.40
C ASN B 322 -7.59 -9.28 24.10
N ALA B 323 -8.26 -8.63 25.04
CA ALA B 323 -8.57 -7.23 24.85
C ALA B 323 -8.67 -6.54 26.19
N GLY B 324 -8.40 -5.24 26.19
CA GLY B 324 -8.48 -4.45 27.41
C GLY B 324 -8.68 -2.97 27.10
N ILE B 325 -9.02 -2.24 28.16
CA ILE B 325 -9.26 -0.81 28.05
C ILE B 325 -7.93 -0.08 27.85
N ASP B 326 -7.93 0.89 26.93
CA ASP B 326 -6.78 1.76 26.73
C ASP B 326 -6.74 2.79 27.85
N LYS B 327 -5.75 2.69 28.72
CA LYS B 327 -5.59 3.58 29.86
C LYS B 327 -4.53 4.65 29.61
N GLY B 328 -4.07 4.80 28.37
CA GLY B 328 -3.18 5.87 28.00
C GLY B 328 -1.72 5.48 27.89
N ALA B 329 -1.35 4.27 28.29
CA ALA B 329 0.03 3.80 28.14
C ALA B 329 0.30 3.48 26.67
N LYS B 330 1.59 3.42 26.33
CA LYS B 330 1.97 3.02 24.97
C LYS B 330 1.44 1.64 24.63
N THR B 331 1.22 0.80 25.64
CA THR B 331 0.63 -0.52 25.47
C THR B 331 -0.85 -0.56 25.83
N GLY B 332 -1.46 0.59 26.07
CA GLY B 332 -2.89 0.65 26.33
C GLY B 332 -3.23 0.39 27.78
N GLY B 333 -3.25 -0.89 28.14
CA GLY B 333 -3.58 -1.30 29.49
C GLY B 333 -3.66 -2.82 29.51
N PRO B 334 -3.86 -3.41 30.69
CA PRO B 334 -3.92 -4.88 30.76
C PRO B 334 -5.09 -5.43 29.97
N LYS B 335 -4.87 -6.60 29.39
CA LYS B 335 -5.84 -7.25 28.53
C LYS B 335 -6.19 -8.64 29.03
N GLN B 336 -7.46 -9.00 28.87
CA GLN B 336 -8.00 -10.27 29.33
C GLN B 336 -8.49 -11.08 28.15
N THR B 337 -8.30 -12.39 28.23
CA THR B 337 -8.77 -13.30 27.17
C THR B 337 -10.30 -13.35 27.14
N ARG B 338 -10.85 -13.32 25.92
CA ARG B 338 -12.27 -13.45 25.66
C ARG B 338 -12.46 -14.53 24.60
N HIS B 339 -13.65 -15.13 24.58
CA HIS B 339 -13.92 -16.24 23.67
C HIS B 339 -14.99 -15.84 22.66
N VAL B 340 -14.73 -16.17 21.38
CA VAL B 340 -15.62 -15.87 20.25
C VAL B 340 -15.79 -17.16 19.46
N ARG B 341 -16.98 -17.38 18.90
CA ARG B 341 -17.15 -18.58 18.08
C ARG B 341 -18.20 -18.36 17.01
N TRP B 342 -18.10 -19.18 15.96
CA TRP B 342 -19.10 -19.21 14.89
C TRP B 342 -20.13 -20.31 15.17
N ASN B 343 -21.42 -19.98 15.15
CA ASN B 343 -22.45 -20.96 15.51
C ASN B 343 -23.11 -21.61 14.29
N GLY B 344 -22.52 -21.44 13.11
CA GLY B 344 -23.07 -21.95 11.87
C GLY B 344 -23.77 -20.89 11.06
N ASN B 345 -24.18 -19.83 11.70
CA ASN B 345 -24.94 -18.76 11.09
C ASN B 345 -24.32 -17.39 11.35
N GLU B 346 -23.73 -17.18 12.51
CA GLU B 346 -23.18 -15.89 12.86
C GLU B 346 -22.11 -16.07 13.93
N TRP B 347 -21.33 -15.02 14.14
CA TRP B 347 -20.34 -15.00 15.19
C TRP B 347 -21.02 -14.57 16.49
N VAL B 348 -20.70 -15.27 17.58
CA VAL B 348 -21.30 -15.00 18.88
C VAL B 348 -20.18 -14.96 19.91
N GLY B 349 -20.51 -14.43 21.08
CA GLY B 349 -19.56 -14.46 22.16
C GLY B 349 -18.92 -13.11 22.42
N GLY B 350 -17.65 -13.13 22.78
CA GLY B 350 -16.92 -11.96 23.22
C GLY B 350 -16.77 -11.82 24.72
N ASP B 351 -17.33 -12.75 25.51
CA ASP B 351 -17.25 -12.65 26.95
C ASP B 351 -15.86 -13.04 27.46
N LYS B 352 -15.46 -12.42 28.57
CA LYS B 352 -14.20 -12.78 29.21
C LYS B 352 -14.26 -14.21 29.72
N VAL B 353 -13.11 -14.88 29.61
CA VAL B 353 -12.99 -16.22 30.17
C VAL B 353 -13.08 -16.16 31.68
N ILE B 354 -12.29 -15.30 32.30
CA ILE B 354 -12.29 -15.14 33.75
C ILE B 354 -13.26 -14.00 34.08
N PRO B 355 -14.37 -14.26 34.76
CA PRO B 355 -15.35 -13.20 35.04
C PRO B 355 -14.74 -12.09 35.89
N GLN B 356 -15.08 -10.86 35.54
CA GLN B 356 -14.78 -9.66 36.31
C GLN B 356 -13.29 -9.38 36.46
N TYR B 357 -12.43 -10.12 35.78
CA TYR B 357 -11.00 -9.93 35.94
C TYR B 357 -10.55 -8.76 35.07
N GLU B 358 -9.69 -7.92 35.63
CA GLU B 358 -9.30 -6.66 34.98
C GLU B 358 -7.79 -6.53 34.83
N ARG B 359 -7.02 -7.58 35.12
CA ARG B 359 -5.58 -7.59 34.99
C ARG B 359 -5.22 -8.41 33.75
N VAL B 360 -4.02 -8.97 33.69
CA VAL B 360 -3.57 -9.67 32.49
C VAL B 360 -3.95 -11.14 32.58
N SER B 361 -4.56 -11.65 31.51
CA SER B 361 -4.77 -13.09 31.41
C SER B 361 -4.46 -13.54 29.99
N ARG B 362 -3.94 -14.75 29.88
CA ARG B 362 -3.62 -15.39 28.60
C ARG B 362 -4.00 -16.86 28.70
N GLY B 363 -4.30 -17.48 27.57
CA GLY B 363 -4.55 -18.91 27.62
C GLY B 363 -4.82 -19.47 26.25
N ASP B 364 -4.60 -20.76 26.13
CA ASP B 364 -5.03 -21.54 24.97
C ASP B 364 -6.19 -22.43 25.39
N PHE B 365 -6.94 -22.93 24.41
CA PHE B 365 -8.15 -23.68 24.72
C PHE B 365 -8.27 -24.91 23.84
N MET B 366 -9.08 -25.85 24.31
CA MET B 366 -9.52 -27.01 23.57
C MET B 366 -11.04 -26.96 23.47
N VAL B 367 -11.58 -27.42 22.37
CA VAL B 367 -13.02 -27.41 22.15
C VAL B 367 -13.39 -28.74 21.52
N THR B 368 -14.49 -29.31 21.97
CA THR B 368 -14.99 -30.57 21.41
C THR B 368 -16.32 -30.26 20.78
N ASP B 369 -17.43 -30.56 21.43
CA ASP B 369 -18.71 -30.05 20.98
C ASP B 369 -18.69 -28.52 21.07
N PRO B 370 -19.48 -27.84 20.26
CA PRO B 370 -19.42 -26.37 20.25
C PRO B 370 -19.67 -25.73 21.59
N GLU B 371 -20.41 -26.42 22.47
CA GLU B 371 -20.73 -25.84 23.78
C GLU B 371 -19.63 -26.05 24.80
N ASN B 372 -18.70 -26.98 24.56
CA ASN B 372 -17.75 -27.46 25.56
C ASN B 372 -16.37 -26.89 25.25
N ILE B 373 -15.92 -25.93 26.04
CA ILE B 373 -14.65 -25.24 25.80
C ILE B 373 -13.88 -25.24 27.12
N ARG B 374 -12.61 -25.61 27.06
CA ARG B 374 -11.73 -25.64 28.22
CA ARG B 374 -11.72 -25.65 28.22
C ARG B 374 -10.49 -24.83 27.91
N TYR B 375 -10.23 -23.80 28.71
CA TYR B 375 -8.98 -23.04 28.63
C TYR B 375 -8.02 -23.48 29.73
N LEU B 376 -6.74 -23.52 29.39
CA LEU B 376 -5.67 -23.54 30.39
C LEU B 376 -5.07 -22.14 30.34
N THR B 377 -5.33 -21.36 31.38
CA THR B 377 -5.10 -19.93 31.33
CA THR B 377 -5.13 -19.91 31.36
C THR B 377 -4.29 -19.49 32.54
N THR B 378 -3.42 -18.53 32.31
CA THR B 378 -2.67 -17.92 33.42
C THR B 378 -3.21 -16.53 33.73
N TYR B 379 -3.21 -16.22 35.02
CA TYR B 379 -3.62 -14.92 35.54
C TYR B 379 -2.86 -14.70 36.84
N ASN B 380 -2.92 -13.48 37.35
CA ASN B 380 -2.29 -13.13 38.61
C ASN B 380 -3.34 -12.93 39.68
N GLN B 381 -2.99 -13.29 40.90
CA GLN B 381 -3.80 -12.97 42.06
C GLN B 381 -2.83 -12.39 43.06
N ASP B 382 -3.07 -11.15 43.45
CA ASP B 382 -2.05 -10.36 44.12
C ASP B 382 -0.81 -10.44 43.24
N ASN B 383 0.36 -10.77 43.80
CA ASN B 383 1.60 -10.82 43.05
C ASN B 383 2.01 -12.24 42.73
N ASP B 384 1.08 -13.18 42.80
CA ASP B 384 1.34 -14.58 42.53
C ASP B 384 0.76 -14.99 41.19
N ALA B 385 1.36 -16.03 40.62
CA ALA B 385 0.99 -16.52 39.29
C ALA B 385 0.18 -17.79 39.42
N VAL B 386 -0.91 -17.87 38.66
CA VAL B 386 -1.80 -19.02 38.67
C VAL B 386 -1.94 -19.52 37.24
N LEU B 387 -1.93 -20.84 37.08
CA LEU B 387 -2.27 -21.51 35.83
C LEU B 387 -3.33 -22.55 36.15
N SER B 388 -4.53 -22.37 35.58
CA SER B 388 -5.63 -23.26 35.94
C SER B 388 -6.54 -23.46 34.74
N TRP B 389 -7.33 -24.52 34.83
CA TRP B 389 -8.32 -24.86 33.83
C TRP B 389 -9.62 -24.12 34.10
N TRP B 390 -10.23 -23.60 33.03
CA TRP B 390 -11.53 -22.95 33.08
C TRP B 390 -12.43 -23.61 32.06
N GLN B 391 -13.63 -24.04 32.48
CA GLN B 391 -14.51 -24.86 31.66
C GLN B 391 -15.81 -24.14 31.43
N SER B 392 -16.27 -24.14 30.17
CA SER B 392 -17.60 -23.71 29.80
C SER B 392 -18.35 -24.88 29.23
N HIS B 393 -19.65 -24.93 29.52
CA HIS B 393 -20.59 -25.83 28.88
C HIS B 393 -21.70 -25.09 28.16
N ASP B 394 -21.54 -23.77 27.96
CA ASP B 394 -22.55 -22.96 27.28
C ASP B 394 -21.95 -22.19 26.10
N GLY B 395 -20.92 -22.75 25.49
CA GLY B 395 -20.38 -22.17 24.28
C GLY B 395 -19.53 -20.96 24.53
N GLY B 396 -19.08 -20.76 25.76
CA GLY B 396 -18.14 -19.71 26.06
C GLY B 396 -18.74 -18.47 26.66
N GLU B 397 -20.01 -18.49 27.03
CA GLU B 397 -20.59 -17.33 27.70
C GLU B 397 -20.12 -17.25 29.15
N HIS B 398 -19.97 -18.41 29.81
CA HIS B 398 -19.53 -18.46 31.19
C HIS B 398 -18.54 -19.61 31.34
N PHE B 399 -17.45 -19.35 32.07
CA PHE B 399 -16.46 -20.34 32.42
C PHE B 399 -16.37 -20.41 33.94
N VAL B 400 -16.07 -21.60 34.44
CA VAL B 400 -15.87 -21.84 35.86
C VAL B 400 -14.52 -22.52 36.04
N GLU B 401 -13.79 -22.11 37.07
CA GLU B 401 -12.46 -22.61 37.30
C GLU B 401 -12.52 -24.04 37.85
N ASP B 402 -11.69 -24.91 37.28
CA ASP B 402 -11.53 -26.27 37.76
C ASP B 402 -10.16 -26.39 38.41
N LYS B 403 -9.32 -27.32 37.97
CA LYS B 403 -8.09 -27.61 38.67
C LYS B 403 -7.02 -26.56 38.40
N THR B 404 -6.27 -26.21 39.44
CA THR B 404 -5.05 -25.42 39.29
C THR B 404 -3.89 -26.37 39.05
N VAL B 405 -3.13 -26.09 38.00
CA VAL B 405 -2.05 -26.94 37.51
C VAL B 405 -0.70 -26.46 38.04
N LEU B 406 -0.53 -25.15 38.20
CA LEU B 406 0.70 -24.62 38.73
C LEU B 406 0.38 -23.28 39.37
N ARG B 407 1.00 -23.02 40.53
N ARG B 407 1.01 -23.01 40.52
CA ARG B 407 0.83 -21.73 41.20
CA ARG B 407 0.83 -21.74 41.21
C ARG B 407 2.15 -21.38 41.86
C ARG B 407 2.17 -21.39 41.84
N LYS B 408 2.63 -20.16 41.62
CA LYS B 408 3.91 -19.72 42.20
C LYS B 408 3.77 -18.30 42.75
N ASP B 409 4.20 -18.12 43.99
CA ASP B 409 4.13 -16.79 44.60
C ASP B 409 5.17 -15.87 43.97
N ASN B 410 4.85 -14.57 43.94
CA ASN B 410 5.84 -13.56 43.59
C ASN B 410 6.45 -13.84 42.22
N ALA B 411 5.58 -14.10 41.25
CA ALA B 411 6.01 -14.41 39.89
C ALA B 411 4.85 -14.14 38.95
N SER B 412 5.15 -14.19 37.64
CA SER B 412 4.17 -14.21 36.58
CA SER B 412 4.16 -14.22 36.59
C SER B 412 4.57 -15.29 35.60
N PHE B 413 3.59 -15.85 34.91
CA PHE B 413 3.85 -16.94 33.98
C PHE B 413 3.82 -16.45 32.54
N ALA B 414 4.78 -16.91 31.77
CA ALA B 414 4.68 -16.98 30.32
C ALA B 414 4.34 -18.40 29.96
N ILE B 415 3.46 -18.56 28.97
CA ILE B 415 2.96 -19.88 28.57
C ILE B 415 3.09 -20.07 27.07
N SER B 416 3.21 -21.33 26.69
CA SER B 416 3.12 -21.78 25.31
C SER B 416 1.67 -22.05 24.92
N ALA B 417 1.45 -22.19 23.61
CA ALA B 417 0.23 -22.86 23.14
C ALA B 417 0.28 -24.33 23.54
N PHE B 418 -0.87 -24.99 23.49
CA PHE B 418 -0.85 -26.42 23.77
C PHE B 418 0.17 -27.15 22.89
N ILE B 419 0.82 -28.14 23.49
CA ILE B 419 1.76 -28.99 22.80
C ILE B 419 1.08 -29.75 21.68
N LYS B 420 1.76 -29.85 20.54
CA LYS B 420 1.22 -30.59 19.41
CA LYS B 420 1.23 -30.59 19.41
C LYS B 420 1.09 -32.06 19.76
N ASP B 421 -0.10 -32.61 19.52
CA ASP B 421 -0.36 -34.02 19.78
C ASP B 421 -0.13 -34.37 21.24
N ALA B 422 -0.41 -33.42 22.11
CA ALA B 422 -0.19 -33.61 23.53
C ALA B 422 -0.96 -34.81 24.07
N ILE B 423 -0.37 -35.43 25.09
CA ILE B 423 -1.04 -36.44 25.90
C ILE B 423 -1.39 -35.78 27.24
N PRO B 424 -2.28 -36.39 28.02
CA PRO B 424 -2.78 -35.71 29.23
C PRO B 424 -1.68 -35.25 30.17
N ASP B 425 -0.57 -35.97 30.28
CA ASP B 425 0.49 -35.61 31.21
C ASP B 425 1.34 -34.42 30.76
N ALA B 426 1.27 -34.01 29.49
CA ALA B 426 2.23 -33.02 28.99
C ALA B 426 1.52 -32.17 27.94
N GLN B 427 0.86 -31.11 28.41
CA GLN B 427 0.02 -30.30 27.55
C GLN B 427 0.53 -28.89 27.28
N MET B 428 1.32 -28.29 28.17
CA MET B 428 1.68 -26.88 28.00
C MET B 428 3.00 -26.64 28.69
N LEU B 429 3.77 -25.69 28.17
CA LEU B 429 5.00 -25.24 28.79
C LEU B 429 4.74 -23.94 29.52
N VAL B 430 5.44 -23.75 30.65
CA VAL B 430 5.26 -22.60 31.53
C VAL B 430 6.62 -22.12 31.97
N ALA B 431 6.78 -20.80 32.06
CA ALA B 431 7.99 -20.16 32.55
C ALA B 431 7.63 -19.29 33.75
N GLU B 432 8.35 -19.50 34.86
CA GLU B 432 8.07 -18.79 36.12
C GLU B 432 8.94 -17.54 36.16
N LYS B 433 8.42 -16.43 35.62
CA LYS B 433 9.18 -15.20 35.55
C LYS B 433 9.25 -14.55 36.92
N VAL B 434 10.46 -14.42 37.45
CA VAL B 434 10.69 -13.73 38.72
C VAL B 434 11.55 -12.52 38.41
N SER B 435 12.79 -12.76 38.01
CA SER B 435 13.57 -11.74 37.33
C SER B 435 13.57 -12.11 35.85
N ASP B 436 14.45 -11.48 35.09
CA ASP B 436 14.49 -11.77 33.67
C ASP B 436 15.58 -12.76 33.29
N GLU B 437 16.24 -13.38 34.27
CA GLU B 437 17.16 -14.49 33.99
C GLU B 437 16.94 -15.61 34.99
N GLY B 438 17.53 -16.77 34.70
CA GLY B 438 17.41 -17.91 35.59
C GLY B 438 15.98 -18.38 35.79
N ILE B 439 15.17 -18.31 34.74
CA ILE B 439 13.75 -18.59 34.84
C ILE B 439 13.52 -20.10 34.81
N LYS B 440 12.77 -20.59 35.79
CA LYS B 440 12.41 -22.00 35.83
C LYS B 440 11.31 -22.32 34.81
N MET B 441 11.53 -23.45 34.14
CA MET B 441 10.72 -23.91 33.02
C MET B 441 10.03 -25.20 33.41
N TYR B 442 8.72 -25.26 33.15
CA TYR B 442 7.88 -26.39 33.57
C TYR B 442 7.10 -26.95 32.39
N LEU B 443 6.95 -28.27 32.39
CA LEU B 443 6.04 -28.98 31.49
C LEU B 443 4.87 -29.46 32.34
N VAL B 444 3.64 -29.02 32.00
CA VAL B 444 2.48 -29.33 32.83
C VAL B 444 1.46 -30.12 32.04
N GLY B 445 0.70 -30.93 32.77
CA GLY B 445 -0.43 -31.66 32.21
C GLY B 445 -1.76 -31.35 32.85
N GLU B 446 -2.63 -32.36 32.92
CA GLU B 446 -3.98 -32.15 33.47
C GLU B 446 -3.93 -31.73 34.92
N GLU B 447 -2.98 -32.27 35.68
CA GLU B 447 -2.96 -32.12 37.12
C GLU B 447 -1.80 -31.28 37.64
N GLY B 448 -0.65 -31.31 36.96
CA GLY B 448 0.52 -30.64 37.48
C GLY B 448 1.74 -30.88 36.63
N ALA B 449 2.90 -30.61 37.22
CA ALA B 449 4.15 -30.59 36.46
C ALA B 449 4.71 -32.00 36.29
N VAL B 450 5.43 -32.18 35.18
CA VAL B 450 6.22 -33.39 34.94
C VAL B 450 7.56 -33.16 35.63
N THR B 451 7.78 -33.85 36.74
CA THR B 451 8.91 -33.51 37.58
C THR B 451 10.22 -34.05 36.99
N ARG B 452 11.31 -33.49 37.50
CA ARG B 452 12.66 -33.91 37.14
C ARG B 452 13.51 -34.04 38.39
N SER B 453 14.36 -35.06 38.41
CA SER B 453 15.31 -35.21 39.48
C SER B 453 16.17 -33.96 39.59
N LEU B 454 16.28 -33.41 40.79
CA LEU B 454 17.11 -32.22 40.96
C LEU B 454 18.57 -32.53 40.67
N VAL B 455 19.06 -33.70 41.09
CA VAL B 455 20.44 -34.08 40.77
C VAL B 455 20.63 -34.13 39.25
N ASP B 456 19.67 -34.74 38.54
CA ASP B 456 19.78 -34.82 37.10
C ASP B 456 19.77 -33.43 36.48
N LEU B 457 18.89 -32.55 36.96
CA LEU B 457 18.80 -31.21 36.41
C LEU B 457 20.13 -30.48 36.58
N LYS B 458 20.68 -30.51 37.81
CA LYS B 458 21.94 -29.81 38.05
C LYS B 458 23.05 -30.35 37.15
N THR B 459 23.07 -31.66 36.92
CA THR B 459 24.07 -32.25 36.03
C THR B 459 23.89 -31.79 34.59
N ALA B 460 22.64 -31.66 34.16
CA ALA B 460 22.38 -31.39 32.76
C ALA B 460 22.40 -29.91 32.41
N MET B 461 22.23 -29.03 33.37
CA MET B 461 22.14 -27.63 33.04
C MET B 461 23.47 -27.11 32.51
N PRO B 462 23.53 -26.57 31.30
CA PRO B 462 24.75 -25.92 30.83
C PRO B 462 25.05 -24.69 31.65
N THR B 463 26.32 -24.29 31.66
CA THR B 463 26.76 -23.15 32.43
C THR B 463 27.50 -22.17 31.52
CL CL C . 6.90 11.81 -29.49
ZN ZN D . 15.57 23.64 -21.90
P PO4 E . 8.32 24.32 -23.68
O1 PO4 E . 9.61 24.39 -24.47
O2 PO4 E . 8.52 23.57 -22.42
O3 PO4 E . 7.35 23.58 -24.58
O4 PO4 E . 7.89 25.74 -23.38
C1 GOL F . 11.60 3.73 -3.04
O1 GOL F . 11.69 3.68 -4.45
C2 GOL F . 10.74 4.92 -2.62
O2 GOL F . 10.51 4.88 -1.23
C3 GOL F . 11.45 6.23 -2.92
O3 GOL F . 12.66 6.31 -2.18
H11 GOL F . 11.16 2.82 -2.66
H12 GOL F . 12.60 3.84 -2.62
HO1 GOL F . 12.30 2.96 -4.71
H2 GOL F . 9.80 4.91 -3.16
HO2 GOL F . 11.36 4.92 -0.76
H31 GOL F . 11.67 6.29 -3.98
H32 GOL F . 10.81 7.07 -2.66
HO3 GOL F . 13.13 7.15 -2.39
K K G . -0.58 15.00 -24.72
C1 EDO H . 8.83 16.14 -26.96
O1 EDO H . 8.18 14.89 -27.25
C2 EDO H . 10.02 15.96 -26.00
O2 EDO H . 11.16 15.37 -26.68
H11 EDO H . 8.12 16.83 -26.51
H12 EDO H . 9.18 16.59 -27.89
HO1 EDO H . 7.44 15.05 -27.85
H21 EDO H . 10.30 16.93 -25.59
H22 EDO H . 9.72 15.32 -25.17
HO2 EDO H . 11.89 15.27 -26.06
C1 EDO I . 17.26 27.51 -22.86
O1 EDO I . 16.84 28.23 -21.71
C2 EDO I . 16.17 27.52 -23.90
O2 EDO I . 14.93 27.20 -23.26
H11 EDO I . 18.17 27.97 -23.27
H12 EDO I . 17.50 26.48 -22.58
HO1 EDO I . 17.54 28.22 -21.04
H21 EDO I . 16.11 28.50 -24.37
H22 EDO I . 16.38 26.77 -24.67
HO2 EDO I . 14.21 27.20 -23.92
C1 EDO J . 14.40 30.46 -8.04
O1 EDO J . 14.95 29.13 -8.18
C2 EDO J . 15.54 31.46 -7.87
O2 EDO J . 16.40 31.39 -9.01
H11 EDO J . 13.82 30.71 -8.92
H12 EDO J . 13.75 30.50 -7.17
HO1 EDO J . 14.23 28.50 -8.29
H21 EDO J . 15.14 32.47 -7.78
H22 EDO J . 16.11 31.23 -6.97
HO2 EDO J . 17.13 32.02 -8.91
C1 EDO K . 10.14 28.46 -24.32
O1 EDO K . 9.76 27.71 -23.16
C2 EDO K . 11.09 27.61 -25.16
O2 EDO K . 10.38 26.46 -25.65
H11 EDO K . 9.26 28.72 -24.90
H12 EDO K . 10.65 29.38 -24.01
HO1 EDO K . 9.16 28.25 -22.62
H21 EDO K . 11.94 27.30 -24.57
H22 EDO K . 11.45 28.20 -26.00
HO2 EDO K . 10.97 25.93 -26.19
C1 EDO L . 13.95 6.61 -5.26
O1 EDO L . 13.23 5.52 -5.88
C2 EDO L . 15.44 6.28 -5.16
O2 EDO L . 16.00 6.27 -6.47
H11 EDO L . 13.82 7.51 -5.85
H12 EDO L . 13.54 6.78 -4.27
HO1 EDO L . 12.29 5.74 -5.95
H21 EDO L . 15.56 5.29 -4.70
H22 EDO L . 15.94 7.01 -4.54
HO2 EDO L . 16.95 6.06 -6.41
C1 EDO M . 4.60 19.52 -21.56
O1 EDO M . 5.88 19.29 -22.16
C2 EDO M . 4.10 18.20 -21.04
O2 EDO M . 4.96 17.68 -20.03
H11 EDO M . 4.71 20.25 -20.75
H12 EDO M . 3.91 19.93 -22.30
HO1 EDO M . 6.24 20.11 -22.52
H21 EDO M . 3.10 18.34 -20.62
H22 EDO M . 4.02 17.49 -21.86
HO2 EDO M . 4.60 16.83 -19.72
CL CL N . -1.88 -7.06 28.53
ZN ZN O . 3.45 -0.29 14.47
P PO4 P . 6.57 -6.20 17.44
O1 PO4 P . 7.81 -6.55 16.62
O2 PO4 P . 6.67 -4.78 17.96
O3 PO4 P . 6.41 -7.01 18.73
O4 PO4 P . 5.37 -6.46 16.62
K K Q . 1.08 -15.17 24.96
C1 EDO R . 9.24 -2.62 16.68
O1 EDO R . 9.03 -3.47 17.82
C2 EDO R . 9.86 -3.42 15.55
O2 EDO R . 9.04 -4.56 15.24
H11 EDO R . 8.28 -2.19 16.34
H12 EDO R . 9.89 -1.79 16.95
HO1 EDO R . 8.63 -2.95 18.54
H21 EDO R . 9.98 -2.79 14.67
H22 EDO R . 10.85 -3.77 15.85
HO2 EDO R . 9.44 -5.06 14.52
C1 EDO S . -0.94 -4.37 22.45
O1 EDO S . -0.95 -3.58 23.63
C2 EDO S . 0.00 -5.56 22.51
O2 EDO S . 1.21 -5.22 23.20
H11 EDO S . -1.94 -4.73 22.24
H12 EDO S . -0.64 -3.74 21.61
HO1 EDO S . -1.57 -2.84 23.52
H21 EDO S . 0.22 -5.90 21.50
H22 EDO S . -0.50 -6.38 23.04
HO2 EDO S . 1.79 -6.00 23.23
C1 EDO T . 24.43 -24.56 18.17
O1 EDO T . 24.15 -25.92 18.52
C2 EDO T . 25.74 -24.14 18.81
O2 EDO T . 25.69 -24.38 20.22
H11 EDO T . 24.50 -24.47 17.09
H12 EDO T . 23.62 -23.92 18.52
HO1 EDO T . 23.32 -26.20 18.12
H21 EDO T . 26.57 -24.71 18.38
H22 EDO T . 25.92 -23.08 18.62
HO2 EDO T . 26.52 -24.10 20.63
#